data_8TFL
#
_entry.id   8TFL
#
_cell.length_a   49.420
_cell.length_b   126.927
_cell.length_c   102.027
_cell.angle_alpha   90.00
_cell.angle_beta   92.74
_cell.angle_gamma   90.00
#
_symmetry.space_group_name_H-M   'P 1 21 1'
#
loop_
_entity.id
_entity.type
_entity.pdbx_description
1 polymer 'SylH3 Fab light chain'
2 polymer 'SylH3 Fab heavy chain'
3 polymer 'Ricin A chain'
4 polymer 'Ricin B chain'
5 branched 2-acetamido-2-deoxy-beta-D-glucopyranose-(1-4)-2-acetamido-2-deoxy-alpha-D-glucopyranose
6 non-polymer 'NONAETHYLENE GLYCOL'
7 non-polymer 2-acetamido-2-deoxy-alpha-D-glucopyranose
8 water water
#
loop_
_entity_poly.entity_id
_entity_poly.type
_entity_poly.pdbx_seq_one_letter_code
_entity_poly.pdbx_strand_id
1 'polypeptide(L)'
;DIVMTQSPSSLSASLGGRVTITCKASQDIKKYIGWYQHRPGKGPRLLIHYTSTLQPGIPSRFSGGGSGRDYSFNISNLEP
EDIATYYCLQYDHLWTFGGGTKLEIKRADAAPTVSIFPPSSEQLTSGGASVVCFLNNFYPKDINVKWKIDGSERQNGVLN
SWTDQDSKDSTYSMSSTLTLTKDEYERHNSYTCEATHKTSTSPIVKSFNR
;
L
2 'polypeptide(L)'
;QVQLQQSGAELMKPGASVKISCKSTGYTFSSYWIEWIKQRPGHGLEWIGEIFPGSGSINYNEKFKGKATFTADTSSNTAY
MQLSSLTFEDSAVYYCARWDGNDFHNTMDYWGQGTSVTVSSAKTTPPSVYPLAPGSAAQTNSMVTLGCLVKGYFPEPVTV
TWNSGSLSSGVHTFPAVLQSDLYTLSSSVTVPSSPRPSETVTCNVAHPASSTKVDK
;
H
3 'polypeptide(L)'
;QYPIINFTTAGATVQSYTNFIRAVRGRLTTGADVRHEIPVLPNRVGLPINQRFILVELSNHAELSVTLALDVTNAYVVGY
RAGNSAYFFHPDNQEDAEAITHLFTDVQNRYTFAFGGNYDRLEQLAGNLRENIELGNGPLEEAISALYYYSTGGTQLPTL
ARSFIICIQMISEAARFQYIEGEMRTRIRYNRRSAPDPSVITLENSWGRLSTAIQESNQGAFASPIQLQRRNGSKFSVYD
VSILIPIIALMVYRCAPPPS
;
A
4 'polypeptide(L)'
;DVCMDPEPIVRIVGRNGLCVDVRDGRFHNGNAIQLWPCKSNTDANQLWTLKRDNTIRSNGKCLTTYGYSPGVYVMIYDCN
TAATDATRWQIWDNGTIINPRSSLVLAATSGNSGTTLTVQTNIYAVSQGWLPTNNTQPFVTTIVGLYGLCLQANSGQVWI
EDCSSEKAEQQWALYADGSIRPQQNRDNCLTSDSNIRETVVKILSCGPASSGQRWMFKNDGTILNLYSGLVLDVRASDPS
LKQIILYPLHGDPNQIWLPLF
;
B
#
# COMPACT_ATOMS: atom_id res chain seq x y z
N ASP A 1 -6.40 13.13 -0.24
CA ASP A 1 -6.35 14.34 0.57
C ASP A 1 -6.67 15.58 -0.27
N ILE A 2 -6.51 15.46 -1.59
CA ILE A 2 -6.80 16.56 -2.49
C ILE A 2 -8.28 16.86 -2.47
N VAL A 3 -8.63 18.14 -2.36
CA VAL A 3 -10.01 18.59 -2.25
C VAL A 3 -10.42 19.22 -3.58
N MET A 4 -11.60 18.86 -4.07
CA MET A 4 -12.15 19.41 -5.30
C MET A 4 -13.39 20.24 -4.97
N THR A 5 -13.32 21.53 -5.26
CA THR A 5 -14.42 22.46 -4.96
C THR A 5 -15.15 22.78 -6.26
N GLN A 6 -16.20 22.02 -6.53
CA GLN A 6 -17.02 22.21 -7.73
C GLN A 6 -18.10 23.24 -7.47
N SER A 7 -18.14 24.28 -8.29
CA SER A 7 -19.13 25.34 -8.16
C SER A 7 -19.71 25.66 -9.53
N PRO A 8 -21.00 26.01 -9.60
CA PRO A 8 -21.96 26.10 -8.50
C PRO A 8 -22.60 24.75 -8.16
N SER A 9 -23.44 24.71 -7.13
CA SER A 9 -24.13 23.48 -6.75
C SER A 9 -25.31 23.16 -7.66
N SER A 10 -25.90 24.17 -8.30
CA SER A 10 -27.05 23.96 -9.18
C SER A 10 -27.02 25.00 -10.29
N LEU A 11 -27.70 24.68 -11.38
CA LEU A 11 -27.78 25.57 -12.54
C LEU A 11 -29.20 25.55 -13.10
N SER A 12 -29.50 26.55 -13.94
CA SER A 12 -30.82 26.67 -14.53
C SER A 12 -30.68 27.47 -15.82
N ALA A 13 -30.77 26.80 -16.96
CA ALA A 13 -30.64 27.45 -18.25
C ALA A 13 -31.70 26.90 -19.20
N SER A 14 -31.82 27.53 -20.36
CA SER A 14 -32.82 27.16 -21.36
C SER A 14 -32.15 26.41 -22.51
N LEU A 15 -32.99 25.87 -23.39
CA LEU A 15 -32.50 25.10 -24.52
C LEU A 15 -31.74 26.01 -25.49
N GLY A 16 -30.64 25.48 -26.03
CA GLY A 16 -29.80 26.19 -26.96
C GLY A 16 -28.65 26.94 -26.33
N GLY A 17 -28.79 27.36 -25.07
CA GLY A 17 -27.75 28.09 -24.38
C GLY A 17 -26.60 27.19 -23.95
N ARG A 18 -25.59 27.82 -23.36
CA ARG A 18 -24.40 27.14 -22.87
C ARG A 18 -24.23 27.39 -21.39
N VAL A 19 -23.80 26.37 -20.65
CA VAL A 19 -23.51 26.47 -19.24
C VAL A 19 -22.04 26.15 -19.02
N THR A 20 -21.53 26.56 -17.85
CA THR A 20 -20.13 26.33 -17.50
C THR A 20 -20.04 25.92 -16.04
N ILE A 21 -19.31 24.84 -15.78
CA ILE A 21 -19.13 24.32 -14.43
C ILE A 21 -17.65 24.45 -14.08
N THR A 22 -17.37 25.07 -12.93
CA THR A 22 -16.01 25.30 -12.48
C THR A 22 -15.64 24.32 -11.38
N CYS A 23 -14.46 23.73 -11.48
CA CYS A 23 -13.93 22.81 -10.48
C CYS A 23 -12.59 23.36 -10.01
N LYS A 24 -12.48 23.62 -8.70
CA LYS A 24 -11.29 24.20 -8.10
C LYS A 24 -10.60 23.16 -7.23
N ALA A 25 -9.33 22.88 -7.54
CA ALA A 25 -8.57 21.86 -6.85
C ALA A 25 -7.71 22.48 -5.75
N SER A 26 -7.39 21.66 -4.74
CA SER A 26 -6.55 22.13 -3.64
C SER A 26 -5.09 22.24 -4.05
N GLN A 27 -4.66 21.41 -4.99
CA GLN A 27 -3.28 21.46 -5.48
C GLN A 27 -3.29 21.10 -6.96
N ASP A 28 -2.14 21.24 -7.60
CA ASP A 28 -1.99 20.97 -9.02
C ASP A 28 -2.27 19.50 -9.32
N ILE A 29 -3.38 19.23 -10.02
CA ILE A 29 -3.68 17.86 -10.45
C ILE A 29 -3.16 17.59 -11.86
N LYS A 30 -2.46 18.54 -12.47
CA LYS A 30 -1.72 18.31 -13.71
C LYS A 30 -2.64 17.86 -14.84
N LYS A 31 -3.82 18.47 -14.93
CA LYS A 31 -4.81 18.26 -15.99
C LYS A 31 -5.43 16.86 -15.96
N TYR A 32 -5.24 16.09 -14.89
CA TYR A 32 -5.87 14.78 -14.77
C TYR A 32 -7.21 14.91 -14.06
N ILE A 33 -8.17 15.51 -14.77
CA ILE A 33 -9.52 15.70 -14.26
C ILE A 33 -10.50 15.11 -15.26
N GLY A 34 -11.57 14.49 -14.75
CA GLY A 34 -12.60 13.90 -15.57
C GLY A 34 -13.94 14.60 -15.36
N TRP A 35 -14.87 14.30 -16.25
CA TRP A 35 -16.20 14.89 -16.21
C TRP A 35 -17.24 13.81 -16.50
N TYR A 36 -18.23 13.70 -15.62
CA TYR A 36 -19.23 12.65 -15.69
C TYR A 36 -20.64 13.23 -15.73
N GLN A 37 -21.57 12.42 -16.22
CA GLN A 37 -22.99 12.79 -16.29
C GLN A 37 -23.78 11.68 -15.62
N HIS A 38 -24.50 12.03 -14.55
CA HIS A 38 -25.22 11.05 -13.74
C HIS A 38 -26.71 11.38 -13.78
N ARG A 39 -27.47 10.55 -14.49
CA ARG A 39 -28.93 10.65 -14.46
C ARG A 39 -29.48 9.72 -13.39
N PRO A 40 -30.53 10.14 -12.67
CA PRO A 40 -31.06 9.31 -11.58
C PRO A 40 -31.60 7.99 -12.10
N GLY A 41 -31.13 6.90 -11.49
CA GLY A 41 -31.50 5.57 -11.93
C GLY A 41 -30.41 4.93 -12.76
N LYS A 42 -29.84 5.71 -13.68
CA LYS A 42 -28.71 5.25 -14.49
C LYS A 42 -27.41 5.34 -13.69
N GLY A 43 -26.38 4.68 -14.21
CA GLY A 43 -25.05 4.86 -13.71
C GLY A 43 -24.40 6.05 -14.38
N PRO A 44 -23.43 6.68 -13.70
CA PRO A 44 -22.75 7.84 -14.29
C PRO A 44 -22.11 7.51 -15.64
N ARG A 45 -21.95 8.54 -16.45
CA ARG A 45 -21.53 8.41 -17.84
C ARG A 45 -20.32 9.32 -18.06
N LEU A 46 -19.19 8.73 -18.40
CA LEU A 46 -17.98 9.50 -18.63
C LEU A 46 -18.12 10.39 -19.85
N LEU A 47 -17.78 11.67 -19.70
CA LEU A 47 -17.88 12.64 -20.78
C LEU A 47 -16.53 13.11 -21.30
N ILE A 48 -15.62 13.48 -20.40
CA ILE A 48 -14.31 14.02 -20.77
C ILE A 48 -13.27 13.50 -19.79
N HIS A 49 -12.10 13.15 -20.29
CA HIS A 49 -10.95 12.83 -19.45
C HIS A 49 -9.76 13.64 -19.91
N TYR A 50 -8.80 13.80 -19.00
CA TYR A 50 -7.62 14.64 -19.20
C TYR A 50 -8.03 16.05 -19.66
N THR A 51 -8.82 16.71 -18.80
CA THR A 51 -9.22 18.10 -18.95
C THR A 51 -10.11 18.35 -20.15
N SER A 52 -9.61 18.10 -21.37
CA SER A 52 -10.33 18.47 -22.58
C SER A 52 -10.59 17.33 -23.55
N THR A 53 -9.95 16.18 -23.38
CA THR A 53 -10.15 15.07 -24.30
C THR A 53 -11.55 14.50 -24.11
N LEU A 54 -12.42 14.74 -25.09
CA LEU A 54 -13.80 14.27 -25.02
C LEU A 54 -13.87 12.77 -25.23
N GLN A 55 -14.92 12.15 -24.68
CA GLN A 55 -15.09 10.70 -24.75
C GLN A 55 -15.70 10.29 -26.09
N PRO A 56 -15.18 9.25 -26.73
CA PRO A 56 -15.74 8.80 -28.02
C PRO A 56 -17.21 8.44 -27.90
N GLY A 57 -18.04 9.14 -28.66
CA GLY A 57 -19.48 8.95 -28.62
C GLY A 57 -20.26 10.10 -28.03
N ILE A 58 -19.58 11.14 -27.54
CA ILE A 58 -20.23 12.29 -26.91
C ILE A 58 -20.31 13.41 -27.94
N PRO A 59 -21.43 14.13 -28.02
CA PRO A 59 -21.51 15.25 -28.98
C PRO A 59 -20.44 16.31 -28.70
N SER A 60 -20.07 17.03 -29.76
CA SER A 60 -19.01 18.02 -29.68
C SER A 60 -19.40 19.24 -28.86
N ARG A 61 -20.67 19.39 -28.50
CA ARG A 61 -21.11 20.55 -27.73
C ARG A 61 -20.62 20.51 -26.28
N PHE A 62 -20.12 19.37 -25.82
CA PHE A 62 -19.46 19.27 -24.53
C PHE A 62 -17.98 19.60 -24.70
N SER A 63 -17.43 20.35 -23.75
CA SER A 63 -16.02 20.75 -23.84
C SER A 63 -15.48 21.01 -22.45
N GLY A 64 -14.18 20.73 -22.28
CA GLY A 64 -13.50 21.01 -21.04
C GLY A 64 -12.22 21.78 -21.29
N GLY A 65 -11.69 22.35 -20.22
CA GLY A 65 -10.48 23.13 -20.30
C GLY A 65 -9.94 23.55 -18.95
N GLY A 66 -8.63 23.75 -18.86
CA GLY A 66 -8.02 24.19 -17.63
C GLY A 66 -6.62 23.63 -17.46
N SER A 67 -5.94 24.12 -16.43
CA SER A 67 -4.59 23.68 -16.12
C SER A 67 -4.32 23.99 -14.66
N GLY A 68 -3.35 23.28 -14.11
CA GLY A 68 -2.98 23.47 -12.72
C GLY A 68 -4.07 23.09 -11.75
N ARG A 69 -4.69 24.07 -11.12
CA ARG A 69 -5.74 23.83 -10.12
C ARG A 69 -7.12 24.28 -10.57
N ASP A 70 -7.24 24.97 -11.70
CA ASP A 70 -8.48 25.57 -12.14
C ASP A 70 -8.92 24.96 -13.45
N TYR A 71 -10.16 24.46 -13.50
CA TYR A 71 -10.68 23.77 -14.67
C TYR A 71 -12.15 24.14 -14.86
N SER A 72 -12.62 23.99 -16.10
CA SER A 72 -13.98 24.36 -16.47
C SER A 72 -14.57 23.29 -17.38
N PHE A 73 -15.88 23.37 -17.58
CA PHE A 73 -16.63 22.36 -18.33
C PHE A 73 -17.86 23.01 -18.93
N ASN A 74 -17.95 23.00 -20.26
CA ASN A 74 -19.01 23.68 -20.98
C ASN A 74 -19.98 22.69 -21.62
N ILE A 75 -21.23 23.13 -21.77
CA ILE A 75 -22.25 22.38 -22.51
C ILE A 75 -23.04 23.36 -23.37
N SER A 76 -22.67 23.48 -24.63
CA SER A 76 -23.37 24.38 -25.54
C SER A 76 -24.54 23.67 -26.21
N ASN A 77 -25.45 24.46 -26.78
CA ASN A 77 -26.63 23.96 -27.49
C ASN A 77 -27.40 22.96 -26.64
N LEU A 78 -27.90 23.44 -25.51
CA LEU A 78 -28.53 22.56 -24.52
C LEU A 78 -29.75 21.86 -25.11
N GLU A 79 -29.98 20.65 -24.64
CA GLU A 79 -31.06 19.79 -25.08
C GLU A 79 -31.81 19.28 -23.85
N PRO A 80 -33.06 18.83 -24.02
CA PRO A 80 -33.82 18.32 -22.87
C PRO A 80 -33.21 17.06 -22.26
N GLU A 81 -32.52 16.25 -23.05
CA GLU A 81 -31.92 15.01 -22.55
C GLU A 81 -30.65 15.25 -21.73
N ASP A 82 -30.20 16.50 -21.62
CA ASP A 82 -29.00 16.82 -20.87
C ASP A 82 -29.27 17.02 -19.38
N ILE A 83 -30.47 16.69 -18.90
CA ILE A 83 -30.82 16.85 -17.49
C ILE A 83 -30.15 15.74 -16.69
N ALA A 84 -29.24 16.11 -15.81
CA ALA A 84 -28.52 15.17 -14.96
C ALA A 84 -27.80 15.96 -13.88
N THR A 85 -26.90 15.29 -13.15
CA THR A 85 -26.06 15.92 -12.14
C THR A 85 -24.60 15.64 -12.51
N TYR A 86 -23.84 16.71 -12.76
CA TYR A 86 -22.50 16.60 -13.31
C TYR A 86 -21.45 16.72 -12.21
N TYR A 87 -20.41 15.90 -12.30
CA TYR A 87 -19.32 15.88 -11.33
C TYR A 87 -17.99 16.02 -12.03
N CYS A 88 -17.03 16.64 -11.32
CA CYS A 88 -15.63 16.56 -11.70
C CYS A 88 -14.91 15.56 -10.80
N LEU A 89 -13.93 14.88 -11.37
CA LEU A 89 -13.20 13.83 -10.67
C LEU A 89 -11.73 13.93 -11.06
N GLN A 90 -10.89 14.29 -10.10
CA GLN A 90 -9.45 14.29 -10.33
C GLN A 90 -8.89 12.88 -10.12
N TYR A 91 -7.82 12.57 -10.87
CA TYR A 91 -7.17 11.28 -10.72
C TYR A 91 -5.66 11.40 -10.84
N ASP A 92 -5.12 12.56 -10.49
CA ASP A 92 -3.66 12.71 -10.42
C ASP A 92 -3.09 11.86 -9.29
N HIS A 93 -3.68 11.97 -8.10
CA HIS A 93 -3.32 11.14 -6.95
C HIS A 93 -4.60 10.53 -6.39
N LEU A 94 -4.75 9.22 -6.54
CA LEU A 94 -5.91 8.47 -6.07
C LEU A 94 -7.15 9.05 -6.76
N TRP A 95 -8.21 9.40 -6.04
CA TRP A 95 -9.43 9.90 -6.64
C TRP A 95 -10.04 10.94 -5.72
N THR A 96 -10.84 11.84 -6.31
CA THR A 96 -11.61 12.82 -5.54
C THR A 96 -12.72 13.35 -6.42
N PHE A 97 -13.97 13.08 -6.04
CA PHE A 97 -15.11 13.56 -6.79
C PHE A 97 -15.46 15.00 -6.38
N GLY A 98 -16.01 15.75 -7.33
CA GLY A 98 -16.52 17.07 -7.04
C GLY A 98 -17.84 17.03 -6.29
N GLY A 99 -18.27 18.22 -5.83
CA GLY A 99 -19.51 18.30 -5.08
C GLY A 99 -20.74 17.96 -5.90
N GLY A 100 -20.70 18.22 -7.19
CA GLY A 100 -21.82 17.96 -8.07
C GLY A 100 -22.52 19.25 -8.49
N THR A 101 -23.25 19.15 -9.60
CA THR A 101 -24.00 20.29 -10.12
C THR A 101 -25.27 19.75 -10.79
N LYS A 102 -26.42 20.03 -10.19
CA LYS A 102 -27.70 19.58 -10.73
C LYS A 102 -28.19 20.59 -11.76
N LEU A 103 -28.45 20.10 -12.97
CA LEU A 103 -28.82 20.96 -14.09
C LEU A 103 -30.32 20.92 -14.32
N GLU A 104 -30.91 22.09 -14.56
CA GLU A 104 -32.32 22.22 -14.88
C GLU A 104 -32.47 22.93 -16.22
N ILE A 105 -33.39 22.44 -17.04
CA ILE A 105 -33.72 23.07 -18.31
C ILE A 105 -34.89 24.02 -18.11
N LYS A 106 -34.73 25.27 -18.55
CA LYS A 106 -35.79 26.27 -18.41
C LYS A 106 -36.65 26.28 -19.66
N ARG A 107 -37.92 25.95 -19.48
CA ARG A 107 -38.91 25.97 -20.55
C ARG A 107 -39.95 27.05 -20.26
N ALA A 108 -40.99 27.09 -21.09
CA ALA A 108 -42.09 28.02 -20.85
C ALA A 108 -42.93 27.55 -19.67
N ASP A 109 -43.51 28.51 -18.96
CA ASP A 109 -44.33 28.18 -17.80
C ASP A 109 -45.55 27.38 -18.22
N ALA A 110 -45.87 26.36 -17.43
CA ALA A 110 -47.00 25.48 -17.71
C ALA A 110 -47.74 25.19 -16.41
N ALA A 111 -49.08 25.18 -16.49
CA ALA A 111 -49.91 24.86 -15.34
C ALA A 111 -50.10 23.35 -15.21
N PRO A 112 -50.23 22.83 -14.00
CA PRO A 112 -50.43 21.40 -13.82
C PRO A 112 -51.85 20.97 -14.18
N THR A 113 -51.96 19.72 -14.62
CA THR A 113 -53.25 19.08 -14.90
C THR A 113 -53.60 18.25 -13.68
N VAL A 114 -54.53 18.75 -12.87
CA VAL A 114 -54.83 18.19 -11.55
C VAL A 114 -55.83 17.05 -11.69
N SER A 115 -55.65 16.02 -10.87
CA SER A 115 -56.54 14.87 -10.81
C SER A 115 -56.64 14.40 -9.37
N ILE A 116 -57.85 14.05 -8.94
CA ILE A 116 -58.11 13.61 -7.58
C ILE A 116 -58.83 12.27 -7.62
N PHE A 117 -58.56 11.43 -6.61
CA PHE A 117 -59.09 10.07 -6.56
C PHE A 117 -59.63 9.75 -5.16
N PRO A 118 -60.88 9.29 -5.06
CA PRO A 118 -61.42 8.89 -3.75
C PRO A 118 -60.70 7.65 -3.23
N PRO A 119 -60.77 7.39 -1.93
CA PRO A 119 -60.18 6.15 -1.40
C PRO A 119 -60.91 4.93 -1.93
N SER A 120 -60.14 3.92 -2.30
CA SER A 120 -60.72 2.68 -2.79
C SER A 120 -61.48 1.96 -1.67
N SER A 121 -62.55 1.26 -2.05
CA SER A 121 -63.31 0.49 -1.07
C SER A 121 -62.47 -0.62 -0.47
N GLU A 122 -61.46 -1.10 -1.20
CA GLU A 122 -60.55 -2.10 -0.66
C GLU A 122 -59.68 -1.52 0.45
N GLN A 123 -59.36 -0.22 0.37
CA GLN A 123 -58.62 0.43 1.44
C GLN A 123 -59.52 0.71 2.64
N LEU A 124 -60.80 1.00 2.41
CA LEU A 124 -61.72 1.24 3.51
C LEU A 124 -61.91 -0.01 4.36
N THR A 125 -61.79 -1.19 3.75
CA THR A 125 -61.90 -2.43 4.52
C THR A 125 -60.73 -2.58 5.49
N SER A 126 -59.58 -2.00 5.17
CA SER A 126 -58.42 -2.08 6.04
C SER A 126 -58.44 -1.06 7.17
N GLY A 127 -59.48 -0.23 7.25
CA GLY A 127 -59.60 0.76 8.30
C GLY A 127 -59.00 2.11 7.98
N GLY A 128 -58.34 2.26 6.83
CA GLY A 128 -57.74 3.50 6.43
C GLY A 128 -58.47 4.13 5.25
N ALA A 129 -58.09 5.38 4.96
CA ALA A 129 -58.71 6.12 3.86
C ALA A 129 -57.74 7.21 3.42
N SER A 130 -57.17 7.06 2.22
CA SER A 130 -56.22 8.02 1.68
C SER A 130 -56.77 8.56 0.37
N VAL A 131 -56.91 9.88 0.28
CA VAL A 131 -57.36 10.56 -0.93
C VAL A 131 -56.13 11.12 -1.64
N VAL A 132 -56.02 10.82 -2.93
CA VAL A 132 -54.83 11.15 -3.71
C VAL A 132 -55.15 12.31 -4.66
N CYS A 133 -54.14 13.13 -4.91
CA CYS A 133 -54.26 14.28 -5.81
C CYS A 133 -52.96 14.40 -6.61
N PHE A 134 -53.09 14.48 -7.92
CA PHE A 134 -51.93 14.56 -8.81
C PHE A 134 -51.80 15.96 -9.40
N LEU A 135 -50.54 16.35 -9.66
CA LEU A 135 -50.21 17.61 -10.34
C LEU A 135 -49.12 17.27 -11.36
N ASN A 136 -49.54 17.01 -12.60
CA ASN A 136 -48.65 16.46 -13.61
C ASN A 136 -48.32 17.49 -14.67
N ASN A 137 -47.05 17.51 -15.09
CA ASN A 137 -46.58 18.27 -16.24
C ASN A 137 -46.80 19.77 -16.04
N PHE A 138 -46.10 20.33 -15.06
CA PHE A 138 -46.13 21.76 -14.78
C PHE A 138 -44.72 22.33 -14.83
N TYR A 139 -44.63 23.65 -14.69
CA TYR A 139 -43.36 24.36 -14.62
C TYR A 139 -43.61 25.78 -14.13
N PRO A 140 -42.79 26.31 -13.21
CA PRO A 140 -41.61 25.68 -12.59
C PRO A 140 -41.97 24.69 -11.49
N LYS A 141 -40.97 24.18 -10.77
CA LYS A 141 -41.20 23.16 -9.75
C LYS A 141 -41.97 23.70 -8.56
N ASP A 142 -41.83 25.00 -8.26
CA ASP A 142 -42.43 25.60 -7.07
C ASP A 142 -43.95 25.58 -7.19
N ILE A 143 -44.60 24.78 -6.34
CA ILE A 143 -46.06 24.69 -6.29
C ILE A 143 -46.48 24.46 -4.84
N ASN A 144 -47.56 25.11 -4.43
CA ASN A 144 -48.20 24.86 -3.14
C ASN A 144 -49.46 24.06 -3.35
N VAL A 145 -49.61 22.97 -2.61
CA VAL A 145 -50.81 22.12 -2.65
C VAL A 145 -51.59 22.35 -1.36
N LYS A 146 -52.89 22.59 -1.50
CA LYS A 146 -53.77 22.91 -0.39
C LYS A 146 -54.91 21.92 -0.37
N TRP A 147 -55.05 21.20 0.75
CA TRP A 147 -56.15 20.26 0.92
C TRP A 147 -57.30 20.93 1.66
N LYS A 148 -58.53 20.55 1.29
CA LYS A 148 -59.72 21.10 1.91
C LYS A 148 -60.74 20.00 2.15
N ILE A 149 -61.26 19.94 3.37
CA ILE A 149 -62.34 19.02 3.74
C ILE A 149 -63.45 19.85 4.35
N ASP A 150 -64.62 19.85 3.71
CA ASP A 150 -65.76 20.70 4.08
C ASP A 150 -65.41 22.18 4.00
N GLY A 151 -64.33 22.53 3.31
CA GLY A 151 -63.89 23.91 3.17
C GLY A 151 -62.76 24.30 4.11
N SER A 152 -62.57 23.57 5.20
CA SER A 152 -61.52 23.88 6.17
C SER A 152 -60.22 23.20 5.76
N GLU A 153 -59.12 23.94 5.90
CA GLU A 153 -57.82 23.43 5.50
C GLU A 153 -57.33 22.37 6.49
N ARG A 154 -56.63 21.35 5.96
CA ARG A 154 -56.10 20.26 6.75
C ARG A 154 -54.62 20.10 6.43
N GLN A 155 -53.76 20.29 7.43
CA GLN A 155 -52.32 20.32 7.20
C GLN A 155 -51.58 19.11 7.77
N ASN A 156 -52.17 18.36 8.68
CA ASN A 156 -51.50 17.18 9.24
C ASN A 156 -51.88 15.94 8.46
N GLY A 157 -50.95 15.00 8.39
CA GLY A 157 -51.17 13.77 7.66
C GLY A 157 -51.00 13.88 6.17
N VAL A 158 -50.23 14.85 5.69
CA VAL A 158 -50.02 15.06 4.26
C VAL A 158 -48.59 14.67 3.92
N LEU A 159 -48.42 14.01 2.77
CA LEU A 159 -47.11 13.60 2.29
C LEU A 159 -46.97 13.99 0.82
N ASN A 160 -45.89 14.68 0.50
CA ASN A 160 -45.62 15.17 -0.85
C ASN A 160 -44.45 14.43 -1.46
N SER A 161 -44.48 14.30 -2.79
CA SER A 161 -43.43 13.59 -3.51
C SER A 161 -43.24 14.25 -4.87
N TRP A 162 -42.07 14.85 -5.09
CA TRP A 162 -41.73 15.47 -6.35
C TRP A 162 -40.91 14.51 -7.21
N THR A 163 -41.19 14.50 -8.51
CA THR A 163 -40.39 13.75 -9.46
C THR A 163 -39.24 14.61 -9.98
N ASP A 164 -38.26 13.95 -10.57
CA ASP A 164 -37.22 14.68 -11.27
C ASP A 164 -37.78 15.30 -12.55
N GLN A 165 -37.02 16.24 -13.11
CA GLN A 165 -37.48 16.94 -14.31
C GLN A 165 -37.51 15.99 -15.49
N ASP A 166 -38.56 16.08 -16.29
CA ASP A 166 -38.70 15.22 -17.46
C ASP A 166 -37.65 15.58 -18.50
N SER A 167 -37.01 14.57 -19.07
CA SER A 167 -35.92 14.76 -20.02
C SER A 167 -36.40 14.99 -21.45
N LYS A 168 -37.69 15.25 -21.66
CA LYS A 168 -38.20 15.45 -23.01
C LYS A 168 -38.99 16.74 -23.13
N ASP A 169 -39.99 16.93 -22.27
CA ASP A 169 -40.79 18.16 -22.27
C ASP A 169 -40.42 19.08 -21.11
N SER A 170 -39.40 18.74 -20.32
CA SER A 170 -38.83 19.60 -19.28
C SER A 170 -39.86 19.97 -18.21
N THR A 171 -40.81 19.07 -17.95
CA THR A 171 -41.86 19.33 -16.97
C THR A 171 -41.63 18.49 -15.71
N TYR A 172 -42.26 18.92 -14.63
CA TYR A 172 -42.23 18.23 -13.36
C TYR A 172 -43.56 17.53 -13.11
N SER A 173 -43.69 16.95 -11.92
CA SER A 173 -44.93 16.29 -11.51
C SER A 173 -44.91 16.12 -10.01
N MET A 174 -46.11 16.04 -9.42
CA MET A 174 -46.25 15.98 -7.97
C MET A 174 -47.46 15.14 -7.62
N SER A 175 -47.35 14.42 -6.49
CA SER A 175 -48.45 13.61 -5.96
C SER A 175 -48.54 13.88 -4.46
N SER A 176 -49.63 14.51 -4.04
CA SER A 176 -49.89 14.79 -2.64
C SER A 176 -50.99 13.84 -2.15
N THR A 177 -50.78 13.24 -0.99
CA THR A 177 -51.70 12.27 -0.43
C THR A 177 -52.07 12.68 0.99
N LEU A 178 -53.37 12.65 1.31
CA LEU A 178 -53.87 12.94 2.64
C LEU A 178 -54.30 11.63 3.29
N THR A 179 -53.71 11.34 4.45
CA THR A 179 -53.94 10.08 5.15
C THR A 179 -54.83 10.34 6.36
N LEU A 180 -56.03 9.77 6.33
CA LEU A 180 -56.97 9.87 7.44
C LEU A 180 -57.55 8.50 7.76
N THR A 181 -58.00 8.35 9.00
CA THR A 181 -58.70 7.13 9.39
C THR A 181 -60.08 7.09 8.73
N LYS A 182 -60.62 5.87 8.60
CA LYS A 182 -61.87 5.69 7.89
C LYS A 182 -63.03 6.39 8.58
N ASP A 183 -63.07 6.33 9.92
CA ASP A 183 -64.16 6.98 10.64
C ASP A 183 -64.07 8.50 10.53
N GLU A 184 -62.85 9.05 10.60
CA GLU A 184 -62.68 10.48 10.39
C GLU A 184 -62.95 10.84 8.93
N TYR A 185 -62.70 9.92 8.01
CA TYR A 185 -63.00 10.16 6.60
C TYR A 185 -64.50 10.33 6.37
N GLU A 186 -65.30 9.41 6.91
CA GLU A 186 -66.73 9.44 6.69
C GLU A 186 -67.48 10.35 7.65
N ARG A 187 -66.78 11.00 8.60
CA ARG A 187 -67.40 12.06 9.39
C ARG A 187 -67.53 13.36 8.61
N HIS A 188 -66.94 13.44 7.43
CA HIS A 188 -67.02 14.63 6.59
C HIS A 188 -67.46 14.24 5.18
N ASN A 189 -67.89 15.23 4.41
CA ASN A 189 -68.42 14.96 3.09
C ASN A 189 -67.43 15.33 1.99
N SER A 190 -67.50 16.56 1.49
CA SER A 190 -66.75 16.94 0.30
C SER A 190 -65.25 16.95 0.55
N TYR A 191 -64.49 16.61 -0.48
CA TYR A 191 -63.03 16.63 -0.46
C TYR A 191 -62.53 17.38 -1.68
N THR A 192 -61.47 18.18 -1.47
CA THR A 192 -60.97 19.05 -2.53
C THR A 192 -59.47 19.28 -2.33
N CYS A 193 -58.73 19.26 -3.42
CA CYS A 193 -57.32 19.64 -3.42
C CYS A 193 -57.11 20.80 -4.39
N GLU A 194 -56.48 21.87 -3.92
CA GLU A 194 -56.25 23.07 -4.69
C GLU A 194 -54.76 23.26 -4.94
N ALA A 195 -54.42 23.73 -6.14
CA ALA A 195 -53.03 23.88 -6.56
C ALA A 195 -52.71 25.35 -6.72
N THR A 196 -51.69 25.82 -6.01
CA THR A 196 -51.26 27.21 -6.11
C THR A 196 -50.00 27.34 -6.96
N SER A 202 -55.03 32.49 -9.74
CA SER A 202 -56.14 31.68 -9.26
C SER A 202 -55.77 30.20 -9.21
N PRO A 203 -56.03 29.55 -8.08
CA PRO A 203 -55.69 28.13 -7.94
C PRO A 203 -56.52 27.25 -8.86
N ILE A 204 -56.01 26.05 -9.09
CA ILE A 204 -56.67 25.04 -9.92
C ILE A 204 -57.30 24.01 -9.00
N VAL A 205 -58.55 23.64 -9.28
CA VAL A 205 -59.36 22.84 -8.37
C VAL A 205 -59.92 21.64 -9.13
N LYS A 206 -59.77 20.45 -8.55
CA LYS A 206 -60.42 19.23 -9.03
C LYS A 206 -60.88 18.45 -7.80
N SER A 207 -62.17 18.12 -7.75
CA SER A 207 -62.75 17.51 -6.56
C SER A 207 -63.73 16.42 -6.94
N PHE A 208 -64.05 15.58 -5.95
CA PHE A 208 -65.11 14.59 -6.06
C PHE A 208 -66.06 14.77 -4.90
N ASN A 209 -67.27 14.24 -5.06
CA ASN A 209 -68.31 14.35 -4.04
C ASN A 209 -68.70 12.96 -3.54
N ARG A 210 -68.80 12.83 -2.22
CA ARG A 210 -69.38 11.70 -1.50
C ARG A 210 -69.18 11.93 -0.01
N GLN B 1 -20.72 -2.88 -25.66
CA GLN B 1 -20.88 -4.17 -24.99
C GLN B 1 -19.90 -4.27 -23.82
N VAL B 2 -20.16 -3.47 -22.79
CA VAL B 2 -19.43 -3.53 -21.52
C VAL B 2 -20.43 -3.29 -20.40
N GLN B 3 -20.87 -4.36 -19.74
CA GLN B 3 -21.92 -4.29 -18.73
C GLN B 3 -21.38 -4.69 -17.38
N LEU B 4 -21.67 -3.87 -16.36
CA LEU B 4 -21.35 -4.16 -14.97
C LEU B 4 -22.66 -4.32 -14.20
N GLN B 5 -23.09 -5.57 -14.03
CA GLN B 5 -24.33 -5.87 -13.32
C GLN B 5 -24.05 -6.01 -11.84
N GLN B 6 -24.59 -5.10 -11.04
CA GLN B 6 -24.43 -5.14 -9.59
C GLN B 6 -25.59 -5.90 -8.95
N SER B 7 -25.35 -6.34 -7.71
CA SER B 7 -26.36 -7.07 -6.98
C SER B 7 -27.54 -6.15 -6.62
N GLY B 8 -28.68 -6.77 -6.36
CA GLY B 8 -29.89 -6.03 -6.04
C GLY B 8 -29.80 -5.33 -4.70
N ALA B 9 -30.88 -4.61 -4.39
CA ALA B 9 -30.94 -3.85 -3.15
C ALA B 9 -30.91 -4.78 -1.95
N GLU B 10 -30.05 -4.45 -0.98
CA GLU B 10 -29.85 -5.28 0.20
C GLU B 10 -30.35 -4.54 1.43
N LEU B 11 -31.16 -5.23 2.24
CA LEU B 11 -31.60 -4.74 3.54
C LEU B 11 -30.88 -5.53 4.63
N MET B 12 -30.30 -4.81 5.58
CA MET B 12 -29.55 -5.44 6.66
C MET B 12 -29.70 -4.63 7.93
N LYS B 13 -29.75 -5.33 9.06
CA LYS B 13 -29.92 -4.68 10.36
C LYS B 13 -28.62 -3.98 10.76
N PRO B 14 -28.71 -2.97 11.61
CA PRO B 14 -27.50 -2.29 12.08
C PRO B 14 -26.56 -3.23 12.81
N GLY B 15 -25.28 -3.19 12.45
CA GLY B 15 -24.28 -4.04 13.04
C GLY B 15 -23.92 -5.28 12.24
N ALA B 16 -24.71 -5.61 11.21
CA ALA B 16 -24.43 -6.75 10.36
C ALA B 16 -23.54 -6.34 9.19
N SER B 17 -23.16 -7.32 8.37
CA SER B 17 -22.30 -7.11 7.22
C SER B 17 -23.02 -7.54 5.96
N VAL B 18 -22.79 -6.80 4.87
CA VAL B 18 -23.42 -7.08 3.58
C VAL B 18 -22.33 -7.14 2.52
N LYS B 19 -22.49 -8.03 1.55
CA LYS B 19 -21.56 -8.20 0.45
C LYS B 19 -22.27 -7.84 -0.85
N ILE B 20 -21.66 -6.93 -1.62
CA ILE B 20 -22.23 -6.44 -2.86
C ILE B 20 -21.41 -7.00 -4.02
N SER B 21 -22.08 -7.67 -4.95
CA SER B 21 -21.42 -8.22 -6.13
C SER B 21 -21.52 -7.26 -7.30
N CYS B 22 -20.72 -7.55 -8.33
CA CYS B 22 -20.58 -6.68 -9.50
C CYS B 22 -19.99 -7.47 -10.66
N LYS B 23 -20.83 -8.00 -11.55
CA LYS B 23 -20.38 -8.89 -12.61
C LYS B 23 -20.01 -8.11 -13.86
N SER B 24 -18.96 -8.57 -14.54
CA SER B 24 -18.51 -8.00 -15.80
C SER B 24 -18.87 -8.96 -16.93
N THR B 25 -19.44 -8.42 -18.01
CA THR B 25 -19.90 -9.25 -19.12
C THR B 25 -19.57 -8.60 -20.46
N GLY B 26 -18.41 -7.98 -20.56
CA GLY B 26 -18.06 -7.31 -21.80
C GLY B 26 -16.57 -7.21 -22.10
N TYR B 27 -15.73 -7.66 -21.19
CA TYR B 27 -14.29 -7.50 -21.34
C TYR B 27 -13.58 -8.52 -20.46
N THR B 28 -12.26 -8.57 -20.58
CA THR B 28 -11.45 -9.45 -19.75
C THR B 28 -11.36 -8.88 -18.34
N PHE B 29 -11.93 -9.60 -17.37
CA PHE B 29 -12.09 -9.07 -16.02
C PHE B 29 -10.74 -8.83 -15.35
N SER B 30 -9.76 -9.71 -15.59
CA SER B 30 -8.49 -9.66 -14.87
C SER B 30 -7.56 -8.54 -15.32
N SER B 31 -7.90 -7.82 -16.38
CA SER B 31 -7.00 -6.81 -16.93
C SER B 31 -7.37 -5.38 -16.52
N TYR B 32 -8.51 -5.18 -15.85
CA TYR B 32 -8.99 -3.85 -15.53
C TYR B 32 -9.30 -3.73 -14.04
N TRP B 33 -9.16 -2.53 -13.51
CA TRP B 33 -9.48 -2.26 -12.11
C TRP B 33 -10.98 -2.16 -11.91
N ILE B 34 -11.41 -2.36 -10.67
CA ILE B 34 -12.80 -2.22 -10.27
C ILE B 34 -12.85 -1.19 -9.16
N GLU B 35 -13.42 -0.03 -9.45
CA GLU B 35 -13.57 1.03 -8.47
C GLU B 35 -14.87 0.84 -7.69
N TRP B 36 -14.94 1.49 -6.53
CA TRP B 36 -16.12 1.42 -5.67
C TRP B 36 -16.45 2.82 -5.18
N ILE B 37 -17.65 3.29 -5.48
CA ILE B 37 -18.06 4.66 -5.22
C ILE B 37 -19.33 4.65 -4.39
N LYS B 38 -19.36 5.47 -3.34
CA LYS B 38 -20.50 5.57 -2.44
C LYS B 38 -21.25 6.87 -2.68
N GLN B 39 -22.57 6.80 -2.80
CA GLN B 39 -23.41 7.97 -3.00
C GLN B 39 -24.50 7.99 -1.94
N ARG B 40 -24.52 9.02 -1.12
CA ARG B 40 -25.62 9.26 -0.20
C ARG B 40 -26.59 10.25 -0.82
N PRO B 41 -27.85 10.27 -0.35
CA PRO B 41 -28.82 11.22 -0.93
C PRO B 41 -28.42 12.68 -0.78
N GLY B 42 -27.45 13.00 0.08
CA GLY B 42 -26.99 14.37 0.21
C GLY B 42 -25.50 14.49 0.44
N HIS B 43 -24.71 13.67 -0.29
CA HIS B 43 -23.27 13.69 -0.11
C HIS B 43 -22.50 13.55 -1.43
N GLY B 44 -23.18 13.62 -2.57
CA GLY B 44 -22.47 13.48 -3.83
C GLY B 44 -21.91 12.08 -4.00
N LEU B 45 -20.68 12.01 -4.49
CA LEU B 45 -20.01 10.74 -4.76
C LEU B 45 -18.73 10.66 -3.93
N GLU B 46 -18.62 9.59 -3.14
CA GLU B 46 -17.42 9.30 -2.37
C GLU B 46 -16.72 8.08 -2.94
N TRP B 47 -15.40 8.17 -3.06
CA TRP B 47 -14.61 7.02 -3.47
C TRP B 47 -14.30 6.14 -2.27
N ILE B 48 -14.55 4.85 -2.41
CA ILE B 48 -14.30 3.90 -1.32
C ILE B 48 -12.94 3.28 -1.51
N GLY B 49 -12.75 2.58 -2.62
CA GLY B 49 -11.48 1.95 -2.90
C GLY B 49 -11.46 1.36 -4.28
N GLU B 50 -10.43 0.56 -4.54
CA GLU B 50 -10.27 -0.08 -5.84
C GLU B 50 -9.55 -1.40 -5.66
N ILE B 51 -9.94 -2.39 -6.46
CA ILE B 51 -9.37 -3.73 -6.42
C ILE B 51 -8.93 -4.10 -7.82
N PHE B 52 -7.72 -4.65 -7.94
CA PHE B 52 -7.20 -5.08 -9.23
C PHE B 52 -7.25 -6.61 -9.28
N PRO B 53 -8.22 -7.20 -9.98
CA PRO B 53 -8.23 -8.65 -10.14
C PRO B 53 -7.07 -9.12 -10.99
N GLY B 54 -6.70 -10.39 -10.81
CA GLY B 54 -5.50 -10.95 -11.40
C GLY B 54 -4.32 -10.75 -10.48
N SER B 55 -4.23 -9.58 -9.87
CA SER B 55 -3.34 -9.32 -8.76
C SER B 55 -4.18 -9.31 -7.48
N GLY B 56 -3.56 -8.97 -6.36
CA GLY B 56 -4.28 -8.71 -5.13
C GLY B 56 -4.32 -7.25 -4.73
N SER B 57 -4.01 -6.33 -5.64
CA SER B 57 -3.79 -4.94 -5.27
C SER B 57 -5.08 -4.29 -4.78
N ILE B 58 -4.95 -3.53 -3.70
CA ILE B 58 -6.07 -2.79 -3.11
C ILE B 58 -5.56 -1.41 -2.71
N ASN B 59 -6.39 -0.39 -2.95
CA ASN B 59 -6.15 0.96 -2.44
C ASN B 59 -7.38 1.38 -1.66
N TYR B 60 -7.19 1.77 -0.41
CA TYR B 60 -8.28 2.20 0.46
C TYR B 60 -8.33 3.72 0.51
N ASN B 61 -9.51 4.23 0.89
CA ASN B 61 -9.71 5.65 1.09
C ASN B 61 -9.09 6.15 2.39
N GLU B 62 -8.85 5.25 3.35
CA GLU B 62 -8.47 5.51 4.73
C GLU B 62 -9.71 5.88 5.55
N LYS B 63 -10.77 6.32 4.88
CA LYS B 63 -12.04 6.53 5.55
C LYS B 63 -12.77 5.22 5.79
N PHE B 64 -12.51 4.21 4.96
CA PHE B 64 -13.20 2.93 5.02
C PHE B 64 -12.26 1.78 5.37
N LYS B 65 -11.07 2.08 5.90
CA LYS B 65 -10.09 1.04 6.15
C LYS B 65 -10.53 0.02 7.20
N GLY B 66 -11.56 0.32 7.98
CA GLY B 66 -12.08 -0.65 8.93
C GLY B 66 -13.46 -1.14 8.56
N LYS B 67 -14.03 -0.57 7.49
CA LYS B 67 -15.41 -0.86 7.10
C LYS B 67 -15.48 -1.75 5.86
N ALA B 68 -14.86 -1.31 4.76
CA ALA B 68 -14.98 -1.99 3.48
C ALA B 68 -13.83 -2.97 3.27
N THR B 69 -14.13 -4.09 2.63
CA THR B 69 -13.14 -5.08 2.23
C THR B 69 -13.50 -5.59 0.83
N PHE B 70 -12.54 -5.52 -0.08
CA PHE B 70 -12.75 -5.91 -1.47
C PHE B 70 -12.11 -7.27 -1.74
N THR B 71 -12.86 -8.14 -2.41
CA THR B 71 -12.36 -9.42 -2.90
C THR B 71 -12.64 -9.51 -4.40
N ALA B 72 -12.19 -10.60 -5.02
CA ALA B 72 -12.39 -10.79 -6.45
C ALA B 72 -12.56 -12.28 -6.73
N ASP B 73 -13.26 -12.59 -7.82
CA ASP B 73 -13.53 -13.96 -8.23
C ASP B 73 -13.32 -14.03 -9.75
N THR B 74 -12.07 -14.23 -10.15
CA THR B 74 -11.74 -14.26 -11.58
C THR B 74 -12.37 -15.46 -12.28
N SER B 75 -12.77 -16.49 -11.53
CA SER B 75 -13.45 -17.64 -12.12
C SER B 75 -14.89 -17.32 -12.52
N SER B 76 -15.42 -16.17 -12.10
CA SER B 76 -16.78 -15.78 -12.42
C SER B 76 -16.91 -14.33 -12.88
N ASN B 77 -15.80 -13.58 -12.93
CA ASN B 77 -15.80 -12.20 -13.41
C ASN B 77 -16.64 -11.30 -12.51
N THR B 78 -16.64 -11.58 -11.21
CA THR B 78 -17.41 -10.81 -10.24
C THR B 78 -16.47 -10.23 -9.19
N ALA B 79 -16.65 -8.95 -8.87
CA ALA B 79 -15.94 -8.29 -7.80
C ALA B 79 -16.88 -8.06 -6.63
N TYR B 80 -16.33 -8.06 -5.42
CA TYR B 80 -17.13 -7.95 -4.20
C TYR B 80 -16.60 -6.84 -3.31
N MET B 81 -17.53 -6.18 -2.63
CA MET B 81 -17.21 -5.23 -1.57
C MET B 81 -18.07 -5.59 -0.37
N GLN B 82 -17.42 -5.79 0.79
CA GLN B 82 -18.09 -6.23 2.01
C GLN B 82 -18.01 -5.11 3.03
N LEU B 83 -19.14 -4.45 3.28
CA LEU B 83 -19.26 -3.42 4.30
C LEU B 83 -19.70 -4.06 5.60
N SER B 84 -18.87 -3.97 6.63
CA SER B 84 -19.09 -4.65 7.90
C SER B 84 -19.42 -3.64 9.00
N SER B 85 -20.17 -4.11 9.99
CA SER B 85 -20.61 -3.28 11.13
C SER B 85 -21.29 -2.00 10.63
N LEU B 86 -22.45 -2.21 10.02
CA LEU B 86 -23.15 -1.13 9.33
C LEU B 86 -23.77 -0.16 10.32
N THR B 87 -23.38 1.11 10.22
CA THR B 87 -24.07 2.19 10.90
C THR B 87 -25.23 2.67 10.05
N PHE B 88 -26.01 3.59 10.60
CA PHE B 88 -27.09 4.18 9.79
C PHE B 88 -26.53 5.06 8.69
N GLU B 89 -25.33 5.61 8.88
CA GLU B 89 -24.69 6.43 7.86
C GLU B 89 -24.12 5.61 6.71
N ASP B 90 -24.15 4.29 6.80
CA ASP B 90 -23.79 3.44 5.67
C ASP B 90 -24.93 3.26 4.68
N SER B 91 -26.15 3.65 5.05
CA SER B 91 -27.28 3.61 4.13
C SER B 91 -27.01 4.54 2.96
N ALA B 92 -26.76 3.96 1.78
CA ALA B 92 -26.40 4.74 0.60
C ALA B 92 -26.59 3.86 -0.63
N VAL B 93 -26.26 4.42 -1.79
CA VAL B 93 -26.24 3.70 -3.06
C VAL B 93 -24.78 3.56 -3.48
N TYR B 94 -24.36 2.33 -3.72
CA TYR B 94 -22.96 2.02 -4.01
C TYR B 94 -22.81 1.58 -5.46
N TYR B 95 -21.79 2.13 -6.12
CA TYR B 95 -21.49 1.84 -7.51
C TYR B 95 -20.14 1.15 -7.64
N CYS B 96 -20.04 0.26 -8.63
CA CYS B 96 -18.76 -0.28 -9.07
C CYS B 96 -18.47 0.27 -10.46
N ALA B 97 -17.23 0.73 -10.66
CA ALA B 97 -16.84 1.32 -11.92
C ALA B 97 -15.56 0.68 -12.42
N ARG B 98 -15.44 0.55 -13.74
CA ARG B 98 -14.27 -0.01 -14.38
C ARG B 98 -13.24 1.08 -14.63
N TRP B 99 -11.98 0.80 -14.29
CA TRP B 99 -10.88 1.73 -14.54
C TRP B 99 -9.80 1.01 -15.34
N ASP B 100 -9.58 1.47 -16.56
CA ASP B 100 -8.50 0.95 -17.40
C ASP B 100 -7.21 1.65 -16.98
N GLY B 101 -6.48 1.01 -16.07
CA GLY B 101 -5.26 1.59 -15.55
C GLY B 101 -4.02 1.34 -16.39
N ASN B 102 -4.23 0.95 -17.65
CA ASN B 102 -3.09 0.67 -18.53
C ASN B 102 -2.26 1.92 -18.77
N ASP B 103 -2.86 3.10 -18.70
CA ASP B 103 -2.10 4.34 -18.73
C ASP B 103 -2.81 5.38 -17.87
N PHE B 104 -2.02 6.18 -17.16
CA PHE B 104 -2.53 7.09 -16.14
C PHE B 104 -3.36 8.24 -16.69
N HIS B 105 -3.66 8.32 -17.99
CA HIS B 105 -4.58 9.32 -18.49
C HIS B 105 -6.03 8.90 -18.41
N ASN B 106 -6.31 7.61 -18.24
CA ASN B 106 -7.67 7.12 -18.20
C ASN B 106 -8.29 7.31 -16.81
N THR B 107 -9.58 7.62 -16.78
CA THR B 107 -10.36 7.68 -15.57
C THR B 107 -11.35 6.51 -15.56
N MET B 108 -12.27 6.53 -14.61
CA MET B 108 -13.28 5.47 -14.53
C MET B 108 -14.17 5.48 -15.76
N ASP B 109 -14.44 4.30 -16.30
CA ASP B 109 -15.19 4.17 -17.55
C ASP B 109 -16.65 3.88 -17.30
N TYR B 110 -17.03 2.61 -17.41
CA TYR B 110 -18.42 2.19 -17.33
C TYR B 110 -18.80 1.92 -15.87
N TRP B 111 -20.01 2.35 -15.51
CA TRP B 111 -20.53 2.20 -14.15
C TRP B 111 -21.67 1.21 -14.14
N GLY B 112 -21.88 0.59 -12.97
CA GLY B 112 -23.03 -0.28 -12.78
C GLY B 112 -24.30 0.49 -12.50
N GLN B 113 -25.41 -0.24 -12.43
CA GLN B 113 -26.69 0.39 -12.16
C GLN B 113 -26.82 0.86 -10.72
N GLY B 114 -25.96 0.37 -9.84
CA GLY B 114 -25.99 0.78 -8.44
C GLY B 114 -26.71 -0.22 -7.57
N THR B 115 -26.30 -0.28 -6.30
CA THR B 115 -26.89 -1.19 -5.32
C THR B 115 -27.32 -0.37 -4.11
N SER B 116 -28.63 -0.29 -3.89
CA SER B 116 -29.18 0.46 -2.76
C SER B 116 -29.07 -0.36 -1.49
N VAL B 117 -28.31 0.14 -0.53
CA VAL B 117 -28.08 -0.54 0.74
C VAL B 117 -28.78 0.23 1.84
N THR B 118 -29.77 -0.40 2.46
CA THR B 118 -30.55 0.20 3.54
C THR B 118 -30.18 -0.46 4.85
N VAL B 119 -29.87 0.36 5.86
CA VAL B 119 -29.46 -0.13 7.17
C VAL B 119 -30.50 0.35 8.17
N SER B 120 -31.43 -0.52 8.52
CA SER B 120 -32.47 -0.18 9.49
C SER B 120 -32.87 -1.43 10.27
N SER B 121 -33.42 -1.21 11.46
CA SER B 121 -33.94 -2.28 12.28
C SER B 121 -35.39 -2.62 11.99
N ALA B 122 -35.96 -2.01 10.95
CA ALA B 122 -37.35 -2.28 10.60
C ALA B 122 -37.49 -3.65 9.95
N LYS B 123 -38.71 -4.18 10.00
CA LYS B 123 -39.03 -5.48 9.46
C LYS B 123 -39.70 -5.34 8.10
N THR B 124 -39.46 -6.32 7.23
CA THR B 124 -39.98 -6.27 5.87
C THR B 124 -41.48 -6.48 5.87
N THR B 125 -42.23 -5.46 5.44
CA THR B 125 -43.68 -5.53 5.34
C THR B 125 -44.12 -5.35 3.90
N PRO B 126 -45.10 -6.13 3.44
CA PRO B 126 -45.54 -6.03 2.05
C PRO B 126 -46.46 -4.83 1.85
N PRO B 127 -46.60 -4.34 0.62
CA PRO B 127 -47.45 -3.18 0.38
C PRO B 127 -48.91 -3.57 0.21
N SER B 128 -49.79 -2.73 0.76
CA SER B 128 -51.23 -2.87 0.56
C SER B 128 -51.58 -2.08 -0.69
N VAL B 129 -51.82 -2.77 -1.79
CA VAL B 129 -52.01 -2.14 -3.10
C VAL B 129 -53.47 -1.77 -3.29
N TYR B 130 -53.71 -0.54 -3.77
CA TYR B 130 -55.05 -0.01 -3.93
C TYR B 130 -55.24 0.57 -5.32
N PRO B 131 -56.37 0.29 -5.96
CA PRO B 131 -56.66 0.93 -7.26
C PRO B 131 -57.30 2.29 -7.05
N LEU B 132 -56.88 3.25 -7.87
CA LEU B 132 -57.43 4.61 -7.82
C LEU B 132 -58.38 4.76 -9.00
N ALA B 133 -59.64 4.38 -8.78
CA ALA B 133 -60.65 4.48 -9.82
C ALA B 133 -61.10 5.93 -9.98
N PRO B 134 -61.30 6.40 -11.22
CA PRO B 134 -61.71 7.78 -11.48
C PRO B 134 -63.13 8.08 -10.99
N ALA B 137 -66.43 9.58 -17.28
CA ALA B 137 -67.15 10.00 -16.08
C ALA B 137 -66.44 11.15 -15.38
N ALA B 138 -66.72 12.38 -15.84
CA ALA B 138 -66.24 13.61 -15.21
C ALA B 138 -64.71 13.72 -15.26
N GLN B 139 -64.11 13.29 -16.37
CA GLN B 139 -62.69 13.50 -16.61
C GLN B 139 -62.47 13.60 -18.12
N THR B 140 -62.04 14.78 -18.57
CA THR B 140 -61.88 15.02 -20.00
C THR B 140 -60.41 15.07 -20.40
N ASN B 141 -59.95 16.22 -20.89
CA ASN B 141 -58.60 16.40 -21.43
C ASN B 141 -58.33 15.44 -22.59
N SER B 142 -59.37 14.99 -23.28
CA SER B 142 -59.30 14.10 -24.43
C SER B 142 -58.81 12.70 -24.06
N MET B 143 -58.40 12.49 -22.82
CA MET B 143 -57.90 11.19 -22.40
C MET B 143 -57.93 11.08 -20.88
N VAL B 144 -58.10 9.85 -20.39
CA VAL B 144 -58.35 9.58 -18.98
C VAL B 144 -57.03 9.27 -18.27
N THR B 145 -56.99 9.54 -16.97
CA THR B 145 -55.84 9.24 -16.12
C THR B 145 -56.30 8.35 -14.98
N LEU B 146 -55.67 7.18 -14.84
CA LEU B 146 -55.93 6.27 -13.74
C LEU B 146 -54.77 6.35 -12.74
N GLY B 147 -54.82 5.49 -11.72
CA GLY B 147 -53.77 5.51 -10.72
C GLY B 147 -53.79 4.26 -9.86
N CYS B 148 -52.63 3.98 -9.27
CA CYS B 148 -52.46 2.89 -8.32
C CYS B 148 -51.71 3.41 -7.11
N LEU B 149 -52.10 2.94 -5.93
CA LEU B 149 -51.51 3.38 -4.66
C LEU B 149 -50.75 2.23 -4.03
N VAL B 150 -49.48 2.46 -3.72
CA VAL B 150 -48.63 1.49 -3.05
C VAL B 150 -48.30 2.07 -1.68
N LYS B 151 -49.03 1.63 -0.66
CA LYS B 151 -48.96 2.23 0.67
C LYS B 151 -48.52 1.21 1.70
N GLY B 152 -47.67 1.65 2.62
CA GLY B 152 -47.28 0.84 3.76
C GLY B 152 -46.42 -0.37 3.43
N TYR B 153 -45.22 -0.13 2.92
CA TYR B 153 -44.29 -1.22 2.61
C TYR B 153 -42.90 -0.85 3.11
N PHE B 154 -42.07 -1.88 3.28
CA PHE B 154 -40.67 -1.72 3.65
C PHE B 154 -39.95 -3.01 3.31
N PRO B 155 -38.74 -2.94 2.74
CA PRO B 155 -38.01 -1.74 2.34
C PRO B 155 -38.21 -1.41 0.87
N GLU B 156 -37.45 -0.45 0.35
CA GLU B 156 -37.44 -0.14 -1.08
C GLU B 156 -36.64 -1.20 -1.82
N PRO B 157 -36.81 -1.29 -3.16
CA PRO B 157 -37.77 -0.58 -4.00
C PRO B 157 -38.90 -1.45 -4.54
N VAL B 158 -39.98 -0.84 -5.00
CA VAL B 158 -41.08 -1.53 -5.65
C VAL B 158 -41.18 -1.03 -7.09
N THR B 159 -41.24 -1.95 -8.03
CA THR B 159 -41.37 -1.61 -9.45
C THR B 159 -42.85 -1.63 -9.82
N VAL B 160 -43.34 -0.52 -10.35
CA VAL B 160 -44.74 -0.36 -10.72
C VAL B 160 -44.82 -0.21 -12.23
N THR B 161 -45.48 -1.17 -12.88
CA THR B 161 -45.73 -1.12 -14.32
C THR B 161 -47.21 -1.34 -14.58
N TRP B 162 -47.64 -0.99 -15.78
CA TRP B 162 -49.04 -1.09 -16.18
C TRP B 162 -49.17 -2.09 -17.32
N ASN B 163 -50.12 -3.01 -17.18
CA ASN B 163 -50.38 -4.07 -18.17
C ASN B 163 -49.10 -4.81 -18.54
N SER B 164 -48.26 -5.05 -17.53
CA SER B 164 -47.01 -5.82 -17.68
C SER B 164 -46.12 -5.24 -18.78
N GLY B 165 -45.89 -3.92 -18.70
CA GLY B 165 -44.90 -3.26 -19.53
C GLY B 165 -45.41 -2.38 -20.65
N SER B 166 -46.71 -2.08 -20.70
CA SER B 166 -47.25 -1.26 -21.78
C SER B 166 -48.53 -0.61 -21.32
N LEU B 167 -48.68 0.68 -21.60
CA LEU B 167 -47.70 1.49 -22.31
C LEU B 167 -47.26 2.67 -21.44
N SER B 168 -45.97 2.95 -21.46
CA SER B 168 -45.40 4.01 -20.62
C SER B 168 -45.21 5.28 -21.46
N SER B 169 -46.34 5.88 -21.83
CA SER B 169 -46.30 7.10 -22.63
C SER B 169 -45.98 8.34 -21.78
N GLY B 170 -46.70 8.58 -20.69
CA GLY B 170 -47.84 7.89 -20.13
C GLY B 170 -47.80 7.71 -18.63
N VAL B 171 -46.82 6.93 -18.15
CA VAL B 171 -46.74 6.56 -16.75
C VAL B 171 -45.93 7.61 -15.99
N HIS B 172 -46.44 8.02 -14.83
CA HIS B 172 -45.72 8.90 -13.91
C HIS B 172 -45.65 8.21 -12.55
N THR B 173 -44.52 7.57 -12.26
CA THR B 173 -44.29 6.94 -10.98
C THR B 173 -43.53 7.90 -10.08
N PHE B 174 -43.98 8.04 -8.85
CA PHE B 174 -43.44 9.07 -7.98
C PHE B 174 -42.50 8.47 -6.93
N PRO B 175 -41.47 9.20 -6.55
CA PRO B 175 -40.53 8.68 -5.53
C PRO B 175 -41.25 8.44 -4.22
N ALA B 176 -40.89 7.34 -3.57
CA ALA B 176 -41.50 6.97 -2.30
C ALA B 176 -41.14 7.98 -1.21
N VAL B 177 -41.98 8.04 -0.19
CA VAL B 177 -41.75 8.86 0.98
C VAL B 177 -41.64 7.96 2.20
N LEU B 178 -40.72 8.29 3.11
CA LEU B 178 -40.45 7.49 4.28
C LEU B 178 -41.12 8.12 5.49
N GLN B 179 -41.99 7.36 6.16
CA GLN B 179 -42.62 7.79 7.40
C GLN B 179 -41.92 7.24 8.63
N SER B 180 -40.69 6.76 8.47
CA SER B 180 -39.84 6.33 9.58
C SER B 180 -40.49 5.21 10.40
N ASP B 181 -40.43 3.98 9.91
CA ASP B 181 -39.78 3.59 8.66
C ASP B 181 -40.73 2.80 7.76
N LEU B 182 -41.71 3.49 7.16
CA LEU B 182 -42.64 2.88 6.21
C LEU B 182 -42.69 3.72 4.95
N TYR B 183 -42.63 3.05 3.80
CA TYR B 183 -42.62 3.73 2.50
C TYR B 183 -44.00 3.69 1.86
N THR B 184 -44.35 4.79 1.19
CA THR B 184 -45.54 4.86 0.36
C THR B 184 -45.21 5.62 -0.91
N LEU B 185 -45.68 5.11 -2.05
CA LEU B 185 -45.54 5.83 -3.31
C LEU B 185 -46.78 5.60 -4.17
N SER B 186 -47.04 6.56 -5.05
CA SER B 186 -48.18 6.53 -5.94
C SER B 186 -47.71 6.55 -7.38
N SER B 187 -48.56 6.01 -8.27
CA SER B 187 -48.27 5.96 -9.70
C SER B 187 -49.54 6.16 -10.49
N SER B 188 -49.45 6.94 -11.56
CA SER B 188 -50.59 7.22 -12.42
C SER B 188 -50.20 6.96 -13.87
N VAL B 189 -51.21 6.72 -14.70
CA VAL B 189 -51.03 6.45 -16.12
C VAL B 189 -52.13 7.18 -16.89
N THR B 190 -51.78 7.70 -18.06
CA THR B 190 -52.71 8.41 -18.93
C THR B 190 -52.90 7.60 -20.21
N VAL B 191 -54.14 7.19 -20.47
CA VAL B 191 -54.47 6.41 -21.64
C VAL B 191 -55.58 7.14 -22.39
N PRO B 192 -55.74 6.88 -23.69
CA PRO B 192 -56.78 7.57 -24.46
C PRO B 192 -58.18 7.34 -23.89
N SER B 193 -59.13 8.13 -24.40
CA SER B 193 -60.49 8.11 -23.87
C SER B 193 -61.25 6.86 -24.29
N SER B 194 -60.88 6.23 -25.39
CA SER B 194 -61.65 5.09 -25.91
C SER B 194 -61.54 3.84 -25.05
N PRO B 195 -60.35 3.46 -24.54
CA PRO B 195 -60.30 2.28 -23.67
C PRO B 195 -61.10 2.48 -22.39
N ARG B 196 -61.61 1.36 -21.87
CA ARG B 196 -62.39 1.34 -20.64
C ARG B 196 -63.62 2.23 -20.73
N GLU B 199 -58.68 -1.69 -23.81
CA GLU B 199 -60.02 -1.85 -23.27
C GLU B 199 -59.99 -2.15 -21.77
N THR B 200 -58.83 -2.58 -21.29
CA THR B 200 -58.65 -2.92 -19.88
C THR B 200 -57.28 -2.45 -19.43
N VAL B 201 -57.22 -1.94 -18.19
CA VAL B 201 -55.98 -1.39 -17.63
C VAL B 201 -55.89 -1.78 -16.16
N THR B 202 -54.81 -2.47 -15.79
CA THR B 202 -54.48 -2.75 -14.40
C THR B 202 -52.99 -2.54 -14.21
N CYS B 203 -52.60 -2.23 -12.98
CA CYS B 203 -51.20 -2.01 -12.65
C CYS B 203 -50.60 -3.25 -12.01
N ASN B 204 -49.28 -3.40 -12.16
CA ASN B 204 -48.53 -4.51 -11.59
C ASN B 204 -47.53 -3.96 -10.60
N VAL B 205 -47.73 -4.25 -9.32
CA VAL B 205 -46.81 -3.89 -8.26
C VAL B 205 -45.92 -5.08 -7.96
N ALA B 206 -44.63 -4.83 -7.75
CA ALA B 206 -43.66 -5.90 -7.50
C ALA B 206 -42.75 -5.47 -6.36
N HIS B 207 -42.90 -6.11 -5.21
CA HIS B 207 -42.02 -5.88 -4.05
C HIS B 207 -41.14 -7.11 -3.89
N PRO B 208 -39.94 -7.12 -4.48
CA PRO B 208 -39.10 -8.33 -4.41
C PRO B 208 -38.66 -8.68 -3.00
N ALA B 209 -38.56 -7.70 -2.11
CA ALA B 209 -38.12 -7.97 -0.75
C ALA B 209 -39.15 -8.78 0.03
N SER B 210 -40.43 -8.55 -0.23
CA SER B 210 -41.51 -9.29 0.42
C SER B 210 -42.07 -10.40 -0.45
N SER B 211 -41.59 -10.53 -1.69
CA SER B 211 -42.05 -11.56 -2.63
C SER B 211 -43.57 -11.50 -2.82
N THR B 212 -44.06 -10.31 -3.17
CA THR B 212 -45.49 -10.09 -3.37
C THR B 212 -45.69 -9.28 -4.63
N LYS B 213 -46.35 -9.87 -5.63
CA LYS B 213 -46.76 -9.17 -6.83
C LYS B 213 -48.28 -9.11 -6.85
N VAL B 214 -48.83 -7.92 -6.59
CA VAL B 214 -50.27 -7.72 -6.49
C VAL B 214 -50.79 -7.23 -7.84
N ASP B 215 -51.72 -7.98 -8.43
CA ASP B 215 -52.36 -7.62 -9.69
C ASP B 215 -53.74 -7.08 -9.36
N LYS B 216 -53.88 -5.77 -9.32
CA LYS B 216 -55.13 -5.14 -8.93
C LYS B 216 -55.58 -4.10 -9.96
N GLN C 1 24.48 -6.84 40.29
CA GLN C 1 23.63 -5.75 39.83
C GLN C 1 23.51 -5.73 38.31
N TYR C 2 24.65 -5.57 37.63
CA TYR C 2 24.65 -5.51 36.18
C TYR C 2 24.55 -6.91 35.58
N PRO C 3 24.07 -7.01 34.33
CA PRO C 3 24.03 -8.32 33.67
C PRO C 3 25.43 -8.81 33.33
N ILE C 4 25.63 -10.12 33.44
CA ILE C 4 26.92 -10.75 33.24
C ILE C 4 26.78 -11.89 32.24
N ILE C 5 27.66 -11.90 31.24
CA ILE C 5 27.76 -12.99 30.27
C ILE C 5 29.11 -13.67 30.47
N ASN C 6 29.10 -14.98 30.67
CA ASN C 6 30.30 -15.74 30.97
C ASN C 6 30.80 -16.47 29.75
N PHE C 7 32.12 -16.65 29.68
CA PHE C 7 32.75 -17.38 28.59
C PHE C 7 34.05 -17.98 29.09
N THR C 8 34.35 -19.19 28.63
CA THR C 8 35.58 -19.88 28.99
C THR C 8 36.34 -20.26 27.73
N THR C 9 37.67 -20.18 27.81
CA THR C 9 38.55 -20.61 26.72
C THR C 9 39.00 -22.05 26.90
N ALA C 10 38.63 -22.70 28.00
CA ALA C 10 39.13 -24.03 28.29
C ALA C 10 38.66 -25.04 27.24
N GLY C 11 37.35 -25.27 27.17
CA GLY C 11 36.82 -26.19 26.19
C GLY C 11 36.21 -25.49 25.00
N ALA C 12 36.70 -24.28 24.71
CA ALA C 12 36.13 -23.39 23.71
C ALA C 12 35.94 -24.08 22.36
N THR C 13 34.69 -24.30 21.99
CA THR C 13 34.31 -24.84 20.68
C THR C 13 33.63 -23.75 19.86
N VAL C 14 33.21 -24.13 18.66
CA VAL C 14 32.54 -23.18 17.77
C VAL C 14 31.19 -22.78 18.34
N GLN C 15 30.45 -23.74 18.88
CA GLN C 15 29.11 -23.44 19.38
C GLN C 15 29.17 -22.63 20.67
N SER C 16 30.14 -22.90 21.54
CA SER C 16 30.25 -22.17 22.79
C SER C 16 30.58 -20.70 22.57
N TYR C 17 31.39 -20.41 21.54
CA TYR C 17 31.71 -19.02 21.23
C TYR C 17 30.56 -18.32 20.50
N THR C 18 29.83 -19.06 19.67
CA THR C 18 28.68 -18.47 18.98
C THR C 18 27.59 -18.08 19.96
N ASN C 19 27.26 -18.99 20.89
CA ASN C 19 26.27 -18.68 21.92
C ASN C 19 26.73 -17.53 22.79
N PHE C 20 28.04 -17.36 22.97
CA PHE C 20 28.54 -16.27 23.81
C PHE C 20 28.32 -14.92 23.14
N ILE C 21 28.72 -14.78 21.87
CA ILE C 21 28.56 -13.52 21.17
C ILE C 21 27.08 -13.20 20.99
N ARG C 22 26.27 -14.21 20.66
CA ARG C 22 24.82 -14.01 20.55
C ARG C 22 24.21 -13.61 21.89
N ALA C 23 24.78 -14.07 23.00
CA ALA C 23 24.31 -13.64 24.31
C ALA C 23 24.79 -12.24 24.66
N VAL C 24 25.95 -11.84 24.14
CA VAL C 24 26.44 -10.48 24.37
C VAL C 24 25.55 -9.48 23.64
N ARG C 25 25.10 -9.83 22.42
CA ARG C 25 24.24 -8.92 21.67
C ARG C 25 22.87 -8.78 22.31
N GLY C 26 22.28 -9.90 22.74
CA GLY C 26 20.96 -9.85 23.32
C GLY C 26 20.86 -8.96 24.55
N ARG C 27 21.98 -8.78 25.25
CA ARG C 27 22.04 -7.91 26.41
C ARG C 27 22.55 -6.52 26.08
N LEU C 28 22.95 -6.28 24.82
CA LEU C 28 23.42 -4.96 24.40
C LEU C 28 22.30 -4.09 23.85
N THR C 29 21.36 -4.68 23.11
CA THR C 29 20.26 -3.92 22.52
C THR C 29 18.98 -4.72 22.63
N THR C 30 17.87 -4.00 22.73
CA THR C 30 16.56 -4.65 22.82
C THR C 30 16.13 -5.25 21.48
N GLY C 31 16.71 -4.79 20.37
CA GLY C 31 16.31 -5.24 19.06
C GLY C 31 15.12 -4.52 18.48
N ALA C 32 14.51 -3.60 19.23
CA ALA C 32 13.37 -2.86 18.70
C ALA C 32 13.80 -1.79 17.71
N ASP C 33 15.01 -1.26 17.87
CA ASP C 33 15.55 -0.25 16.95
C ASP C 33 16.32 -0.98 15.87
N VAL C 34 15.61 -1.34 14.80
CA VAL C 34 16.18 -2.03 13.65
C VAL C 34 16.02 -1.13 12.44
N ARG C 35 17.14 -0.81 11.79
CA ARG C 35 17.16 -0.01 10.58
C ARG C 35 17.77 -0.84 9.46
N HIS C 36 16.99 -1.07 8.40
CA HIS C 36 17.44 -1.85 7.25
C HIS C 36 17.91 -3.23 7.68
N GLU C 37 17.16 -3.87 8.59
CA GLU C 37 17.41 -5.21 9.09
C GLU C 37 18.73 -5.33 9.85
N ILE C 38 19.23 -4.23 10.40
CA ILE C 38 20.44 -4.25 11.22
C ILE C 38 20.13 -3.60 12.57
N PRO C 39 20.19 -4.35 13.67
CA PRO C 39 19.85 -3.77 14.98
C PRO C 39 20.73 -2.60 15.35
N VAL C 40 20.19 -1.72 16.19
CA VAL C 40 20.86 -0.49 16.60
C VAL C 40 20.94 -0.45 18.11
N LEU C 41 22.09 -0.04 18.64
CA LEU C 41 22.27 0.09 20.07
C LEU C 41 21.46 1.28 20.60
N PRO C 42 21.14 1.28 21.88
CA PRO C 42 20.35 2.38 22.46
C PRO C 42 21.09 3.71 22.37
N ASN C 43 20.31 4.79 22.33
CA ASN C 43 20.87 6.14 22.27
C ASN C 43 21.48 6.52 23.61
N ARG C 44 22.57 7.30 23.54
CA ARG C 44 23.29 7.66 24.75
C ARG C 44 22.52 8.66 25.60
N VAL C 45 21.67 9.49 24.99
CA VAL C 45 21.05 10.64 25.65
C VAL C 45 20.28 10.23 26.89
N GLY C 46 19.16 9.51 26.71
CA GLY C 46 18.29 9.21 27.84
C GLY C 46 18.40 7.79 28.36
N LEU C 47 19.58 7.40 28.81
CA LEU C 47 19.79 6.07 29.37
C LEU C 47 20.00 6.17 30.87
N PRO C 48 19.13 5.55 31.68
CA PRO C 48 19.48 5.37 33.10
C PRO C 48 20.70 4.49 33.23
N ILE C 49 21.51 4.76 34.27
CA ILE C 49 22.77 4.05 34.45
C ILE C 49 22.53 2.57 34.74
N ASN C 50 21.36 2.20 35.26
CA ASN C 50 21.05 0.79 35.46
C ASN C 50 20.93 0.02 34.15
N GLN C 51 20.95 0.70 33.01
CA GLN C 51 20.96 0.07 31.69
C GLN C 51 22.14 0.52 30.84
N ARG C 52 23.14 1.16 31.44
CA ARG C 52 24.24 1.75 30.69
C ARG C 52 25.34 0.77 30.34
N PHE C 53 25.57 -0.26 31.17
CA PHE C 53 26.68 -1.16 30.99
C PHE C 53 26.21 -2.61 31.04
N ILE C 54 27.04 -3.49 30.47
CA ILE C 54 26.95 -4.93 30.66
C ILE C 54 28.34 -5.43 31.02
N LEU C 55 28.38 -6.60 31.65
CA LEU C 55 29.61 -7.19 32.14
C LEU C 55 29.92 -8.48 31.39
N VAL C 56 31.17 -8.63 30.96
CA VAL C 56 31.65 -9.83 30.29
C VAL C 56 32.70 -10.47 31.17
N GLU C 57 32.48 -11.72 31.55
CA GLU C 57 33.36 -12.44 32.45
C GLU C 57 34.17 -13.47 31.65
N LEU C 58 35.48 -13.28 31.62
CA LEU C 58 36.39 -14.18 30.92
C LEU C 58 37.15 -15.02 31.93
N SER C 59 37.02 -16.34 31.82
CA SER C 59 37.70 -17.28 32.70
C SER C 59 38.33 -18.37 31.85
N ASN C 60 39.66 -18.36 31.77
CA ASN C 60 40.38 -19.29 30.92
C ASN C 60 40.76 -20.54 31.72
N HIS C 61 41.61 -21.38 31.13
CA HIS C 61 42.20 -22.50 31.84
C HIS C 61 43.07 -21.97 32.99
N ALA C 62 43.35 -22.86 33.95
CA ALA C 62 44.18 -22.52 35.10
C ALA C 62 43.53 -21.45 35.98
N GLU C 63 42.21 -21.57 36.16
CA GLU C 63 41.47 -20.88 37.22
C GLU C 63 41.39 -19.36 37.08
N LEU C 64 42.20 -18.76 36.21
CA LEU C 64 42.26 -17.31 36.13
C LEU C 64 40.97 -16.74 35.57
N SER C 65 40.42 -15.74 36.25
CA SER C 65 39.16 -15.12 35.87
C SER C 65 39.32 -13.61 35.80
N VAL C 66 38.66 -12.99 34.82
CA VAL C 66 38.67 -11.54 34.64
C VAL C 66 37.30 -11.11 34.17
N THR C 67 36.96 -9.85 34.40
CA THR C 67 35.62 -9.32 34.13
C THR C 67 35.74 -7.99 33.41
N LEU C 68 35.29 -7.94 32.16
CA LEU C 68 35.29 -6.71 31.38
C LEU C 68 33.97 -5.96 31.54
N ALA C 69 34.02 -4.65 31.35
CA ALA C 69 32.85 -3.80 31.39
C ALA C 69 32.66 -3.15 30.03
N LEU C 70 31.45 -3.26 29.48
CA LEU C 70 31.15 -2.79 28.13
C LEU C 70 30.05 -1.74 28.18
N ASP C 71 30.24 -0.66 27.41
CA ASP C 71 29.24 0.38 27.29
C ASP C 71 28.14 -0.07 26.33
N VAL C 72 26.88 0.06 26.76
CA VAL C 72 25.76 -0.35 25.93
C VAL C 72 25.67 0.49 24.67
N THR C 73 26.02 1.78 24.76
CA THR C 73 25.83 2.70 23.63
C THR C 73 26.73 2.35 22.45
N ASN C 74 27.95 1.87 22.70
CA ASN C 74 28.89 1.59 21.62
C ASN C 74 29.53 0.21 21.69
N ALA C 75 29.13 -0.63 22.65
CA ALA C 75 29.61 -2.01 22.79
C ALA C 75 31.12 -2.08 23.01
N TYR C 76 31.75 -1.01 23.44
CA TYR C 76 33.20 -0.96 23.60
C TYR C 76 33.59 -1.21 25.06
N VAL C 77 34.77 -1.80 25.23
CA VAL C 77 35.28 -2.07 26.57
C VAL C 77 35.72 -0.77 27.22
N VAL C 78 35.22 -0.50 28.42
CA VAL C 78 35.58 0.69 29.17
C VAL C 78 36.50 0.39 30.35
N GLY C 79 36.69 -0.87 30.70
CA GLY C 79 37.52 -1.22 31.82
C GLY C 79 37.31 -2.67 32.21
N TYR C 80 38.11 -3.11 33.18
CA TYR C 80 38.05 -4.49 33.63
C TYR C 80 38.34 -4.57 35.12
N ARG C 81 37.94 -5.70 35.71
CA ARG C 81 38.14 -5.97 37.13
C ARG C 81 38.85 -7.32 37.28
N ALA C 82 39.71 -7.41 38.28
CA ALA C 82 40.43 -8.64 38.60
C ALA C 82 40.55 -8.75 40.11
N GLY C 83 39.65 -9.52 40.72
CA GLY C 83 39.66 -9.71 42.16
C GLY C 83 39.21 -8.48 42.93
N ASN C 84 40.18 -7.70 43.41
CA ASN C 84 39.89 -6.50 44.18
C ASN C 84 40.35 -5.22 43.49
N SER C 85 40.98 -5.33 42.32
CA SER C 85 41.47 -4.18 41.59
C SER C 85 40.61 -3.95 40.35
N ALA C 86 40.43 -2.67 40.02
CA ALA C 86 39.66 -2.27 38.85
C ALA C 86 40.43 -1.21 38.06
N TYR C 87 40.40 -1.33 36.74
CA TYR C 87 41.08 -0.42 35.84
C TYR C 87 40.13 0.08 34.78
N PHE C 88 40.26 1.36 34.41
CA PHE C 88 39.40 1.98 33.41
C PHE C 88 40.25 2.81 32.47
N PHE C 89 39.79 2.92 31.22
CA PHE C 89 40.42 3.82 30.29
C PHE C 89 40.05 5.26 30.62
N HIS C 90 40.87 6.20 30.17
CA HIS C 90 40.61 7.61 30.40
C HIS C 90 39.41 8.05 29.56
N PRO C 91 38.30 8.44 30.18
CA PRO C 91 37.13 8.84 29.39
C PRO C 91 37.36 10.14 28.64
N ASP C 92 36.72 10.26 27.48
CA ASP C 92 36.88 11.41 26.61
C ASP C 92 35.95 12.56 26.97
N ASN C 93 35.28 12.50 28.12
CA ASN C 93 34.38 13.57 28.54
C ASN C 93 34.14 13.44 30.04
N GLN C 94 33.48 14.47 30.59
CA GLN C 94 33.20 14.49 32.02
C GLN C 94 31.97 13.67 32.37
N GLU C 95 30.95 13.65 31.48
CA GLU C 95 29.73 12.90 31.77
C GLU C 95 30.02 11.41 31.89
N ASP C 96 30.74 10.84 30.91
CA ASP C 96 31.05 9.43 30.95
C ASP C 96 31.98 9.06 32.09
N ALA C 97 32.71 10.04 32.64
CA ALA C 97 33.48 9.78 33.85
C ALA C 97 32.58 9.54 35.05
N GLU C 98 31.36 10.09 35.03
CA GLU C 98 30.41 9.83 36.10
C GLU C 98 29.80 8.43 36.00
N ALA C 99 29.54 7.97 34.78
CA ALA C 99 29.02 6.62 34.60
C ALA C 99 30.06 5.57 34.98
N ILE C 100 31.35 5.91 34.87
CA ILE C 100 32.40 4.99 35.28
C ILE C 100 32.41 4.83 36.79
N THR C 101 32.03 5.87 37.53
CA THR C 101 32.00 5.80 38.99
C THR C 101 31.05 4.72 39.51
N HIS C 102 30.08 4.30 38.70
CA HIS C 102 29.09 3.32 39.12
C HIS C 102 29.47 1.90 38.71
N LEU C 103 30.69 1.68 38.24
CA LEU C 103 31.17 0.36 37.86
C LEU C 103 32.13 -0.18 38.92
N PHE C 104 31.95 -1.46 39.27
CA PHE C 104 32.83 -2.17 40.20
C PHE C 104 32.89 -1.45 41.55
N THR C 105 31.76 -1.49 42.24
CA THR C 105 31.64 -0.88 43.57
C THR C 105 32.26 -1.73 44.67
N ASP C 106 32.55 -3.00 44.39
CA ASP C 106 33.13 -3.90 45.37
C ASP C 106 34.65 -3.75 45.50
N VAL C 107 35.30 -3.10 44.54
CA VAL C 107 36.76 -3.10 44.52
C VAL C 107 37.32 -2.23 45.64
N GLN C 108 38.57 -2.53 46.02
CA GLN C 108 39.27 -1.75 47.03
C GLN C 108 39.90 -0.50 46.44
N ASN C 109 40.38 -0.57 45.20
CA ASN C 109 41.07 0.55 44.57
C ASN C 109 40.57 0.75 43.15
N ARG C 110 40.42 2.02 42.78
CA ARG C 110 40.00 2.43 41.44
C ARG C 110 41.19 3.05 40.74
N TYR C 111 41.60 2.46 39.62
CA TYR C 111 42.70 2.96 38.81
C TYR C 111 42.16 3.40 37.46
N THR C 112 42.57 4.59 37.02
CA THR C 112 42.18 5.14 35.72
C THR C 112 43.44 5.42 34.92
N PHE C 113 43.59 4.72 33.79
CA PHE C 113 44.77 4.90 32.96
C PHE C 113 44.82 6.31 32.38
N ALA C 114 46.01 6.71 31.95
CA ALA C 114 46.20 7.99 31.28
C ALA C 114 45.88 7.95 29.80
N PHE C 115 45.61 6.76 29.26
CA PHE C 115 45.33 6.58 27.84
C PHE C 115 43.90 6.11 27.63
N GLY C 116 43.36 6.41 26.47
CA GLY C 116 42.01 6.02 26.12
C GLY C 116 41.94 4.57 25.66
N GLY C 117 40.80 4.22 25.09
CA GLY C 117 40.55 2.89 24.58
C GLY C 117 40.69 2.73 23.09
N ASN C 118 40.97 3.80 22.35
CA ASN C 118 41.09 3.70 20.91
C ASN C 118 42.35 2.91 20.52
N TYR C 119 42.36 2.47 19.26
CA TYR C 119 43.44 1.60 18.81
C TYR C 119 44.76 2.36 18.63
N ASP C 120 44.69 3.61 18.17
CA ASP C 120 45.91 4.37 17.88
C ASP C 120 46.80 4.48 19.11
N ARG C 121 46.19 4.60 20.30
CA ARG C 121 46.98 4.65 21.52
C ARG C 121 47.35 3.25 22.00
N LEU C 122 46.43 2.29 21.87
CA LEU C 122 46.69 0.94 22.35
C LEU C 122 47.77 0.25 21.51
N GLU C 123 47.78 0.51 20.20
CA GLU C 123 48.80 -0.11 19.34
C GLU C 123 50.19 0.45 19.67
N GLN C 124 50.28 1.75 19.94
CA GLN C 124 51.56 2.33 20.31
C GLN C 124 52.08 1.76 21.63
N LEU C 125 51.19 1.57 22.60
CA LEU C 125 51.59 1.00 23.88
C LEU C 125 52.04 -0.45 23.71
N ALA C 126 51.30 -1.24 22.94
CA ALA C 126 51.63 -2.64 22.72
C ALA C 126 52.87 -2.83 21.86
N GLY C 127 53.33 -1.79 21.18
CA GLY C 127 54.48 -1.92 20.30
C GLY C 127 54.21 -2.69 19.04
N ASN C 128 52.94 -2.87 18.66
CA ASN C 128 52.59 -3.61 17.46
C ASN C 128 51.25 -3.12 16.95
N LEU C 129 51.08 -3.16 15.63
CA LEU C 129 49.80 -2.88 15.02
C LEU C 129 48.90 -4.12 15.08
N ARG C 130 47.61 -3.92 14.86
CA ARG C 130 46.66 -5.03 14.88
C ARG C 130 47.00 -6.08 13.85
N GLU C 131 47.67 -5.70 12.76
CA GLU C 131 48.01 -6.65 11.72
C GLU C 131 49.11 -7.62 12.14
N ASN C 132 49.84 -7.30 13.21
CA ASN C 132 50.91 -8.15 13.71
C ASN C 132 50.56 -8.77 15.07
N ILE C 133 49.29 -8.74 15.44
CA ILE C 133 48.83 -9.30 16.72
C ILE C 133 47.83 -10.40 16.41
N GLU C 134 48.17 -11.63 16.78
CA GLU C 134 47.35 -12.79 16.45
C GLU C 134 46.14 -12.88 17.35
N LEU C 135 45.09 -13.52 16.83
CA LEU C 135 43.82 -13.67 17.52
C LEU C 135 43.39 -15.13 17.45
N GLY C 136 42.40 -15.47 18.27
CA GLY C 136 41.89 -16.82 18.35
C GLY C 136 41.76 -17.25 19.79
N ASN C 137 41.47 -18.53 19.99
CA ASN C 137 41.30 -19.05 21.34
C ASN C 137 42.59 -18.93 22.15
N GLY C 138 43.73 -19.22 21.51
CA GLY C 138 45.02 -19.12 22.15
C GLY C 138 45.32 -17.75 22.70
N PRO C 139 45.37 -16.74 21.82
CA PRO C 139 45.67 -15.38 22.29
C PRO C 139 44.71 -14.87 23.35
N LEU C 140 43.42 -15.24 23.26
CA LEU C 140 42.47 -14.80 24.27
C LEU C 140 42.78 -15.43 25.63
N GLU C 141 43.10 -16.73 25.64
CA GLU C 141 43.45 -17.40 26.88
C GLU C 141 44.67 -16.78 27.54
N GLU C 142 45.61 -16.27 26.74
CA GLU C 142 46.80 -15.61 27.29
C GLU C 142 46.50 -14.19 27.73
N ALA C 143 45.53 -13.53 27.08
CA ALA C 143 45.18 -12.16 27.47
C ALA C 143 44.53 -12.13 28.85
N ILE C 144 43.73 -13.16 29.18
CA ILE C 144 43.10 -13.24 30.49
C ILE C 144 44.16 -13.30 31.59
N SER C 145 45.29 -13.95 31.32
CA SER C 145 46.37 -13.99 32.30
C SER C 145 47.03 -12.62 32.44
N ALA C 146 47.15 -11.88 31.33
CA ALA C 146 47.82 -10.59 31.39
C ALA C 146 46.97 -9.55 32.12
N LEU C 147 45.65 -9.62 31.96
CA LEU C 147 44.79 -8.69 32.70
C LEU C 147 44.74 -9.04 34.18
N TYR C 148 44.62 -10.33 34.49
CA TYR C 148 44.52 -10.75 35.89
C TYR C 148 45.82 -10.47 36.63
N TYR C 149 46.96 -10.92 36.08
CA TYR C 149 48.24 -10.77 36.76
C TYR C 149 48.77 -9.34 36.74
N TYR C 150 48.11 -8.42 36.05
CA TYR C 150 48.61 -7.04 36.00
C TYR C 150 48.46 -6.35 37.34
N SER C 151 47.49 -6.76 38.17
CA SER C 151 47.28 -6.14 39.45
C SER C 151 48.50 -6.28 40.36
N THR C 152 49.15 -7.44 40.30
CA THR C 152 50.35 -7.70 41.09
C THR C 152 51.63 -7.23 40.41
N GLY C 153 51.51 -6.40 39.37
CA GLY C 153 52.68 -5.93 38.66
C GLY C 153 53.46 -7.01 37.95
N GLY C 154 52.79 -8.09 37.55
CA GLY C 154 53.44 -9.22 36.93
C GLY C 154 53.38 -9.29 35.42
N THR C 155 52.71 -8.34 34.76
CA THR C 155 52.65 -8.29 33.30
C THR C 155 53.15 -6.94 32.81
N GLN C 156 53.86 -6.95 31.70
CA GLN C 156 54.36 -5.71 31.12
C GLN C 156 53.22 -4.92 30.50
N LEU C 157 53.43 -3.60 30.35
CA LEU C 157 52.38 -2.77 29.75
C LEU C 157 52.15 -3.10 28.29
N PRO C 158 53.18 -3.28 27.44
CA PRO C 158 52.91 -3.69 26.05
C PRO C 158 52.10 -4.97 25.96
N THR C 159 52.37 -5.92 26.85
CA THR C 159 51.57 -7.13 26.93
C THR C 159 50.13 -6.81 27.30
N LEU C 160 49.94 -5.88 28.24
CA LEU C 160 48.59 -5.52 28.65
C LEU C 160 47.83 -4.81 27.53
N ALA C 161 48.49 -3.88 26.83
CA ALA C 161 47.84 -3.18 25.74
C ALA C 161 47.45 -4.15 24.62
N ARG C 162 48.37 -5.04 24.24
CA ARG C 162 48.05 -6.06 23.24
C ARG C 162 46.91 -6.94 23.71
N SER C 163 46.88 -7.27 25.00
CA SER C 163 45.79 -8.09 25.52
C SER C 163 44.46 -7.36 25.43
N PHE C 164 44.46 -6.05 25.63
CA PHE C 164 43.25 -5.26 25.41
C PHE C 164 42.85 -5.28 23.94
N ILE C 165 43.83 -5.23 23.04
CA ILE C 165 43.55 -5.32 21.61
C ILE C 165 42.91 -6.66 21.27
N ILE C 166 43.32 -7.74 21.97
CA ILE C 166 42.76 -9.06 21.70
C ILE C 166 41.32 -9.13 22.17
N CYS C 167 41.06 -8.68 23.40
CA CYS C 167 39.71 -8.82 23.97
C CYS C 167 38.70 -7.93 23.26
N ILE C 168 39.12 -6.73 22.85
CA ILE C 168 38.21 -5.82 22.16
C ILE C 168 37.78 -6.41 20.82
N GLN C 169 38.73 -7.00 20.08
CA GLN C 169 38.39 -7.49 18.75
C GLN C 169 37.54 -8.76 18.82
N MET C 170 37.87 -9.67 19.75
CA MET C 170 37.17 -10.95 19.80
C MET C 170 35.83 -10.87 20.53
N ILE C 171 35.58 -9.81 21.29
CA ILE C 171 34.33 -9.65 22.04
C ILE C 171 33.51 -8.49 21.50
N SER C 172 34.04 -7.27 21.58
CA SER C 172 33.31 -6.09 21.13
C SER C 172 33.11 -6.11 19.61
N GLU C 173 34.22 -6.18 18.87
CA GLU C 173 34.14 -6.13 17.41
C GLU C 173 33.44 -7.36 16.83
N ALA C 174 33.42 -8.48 17.54
CA ALA C 174 32.69 -9.64 17.08
C ALA C 174 31.19 -9.50 17.31
N ALA C 175 30.79 -8.78 18.36
CA ALA C 175 29.38 -8.49 18.57
C ALA C 175 28.88 -7.46 17.56
N ARG C 176 29.73 -6.52 17.16
CA ARG C 176 29.34 -5.54 16.17
C ARG C 176 29.19 -6.17 14.79
N PHE C 177 30.16 -6.98 14.39
CA PHE C 177 30.21 -7.58 13.06
C PHE C 177 30.12 -9.09 13.19
N GLN C 178 29.05 -9.69 12.67
CA GLN C 178 29.00 -11.14 12.60
C GLN C 178 30.02 -11.68 11.60
N TYR C 179 30.55 -10.83 10.73
CA TYR C 179 31.66 -11.20 9.87
C TYR C 179 32.91 -11.49 10.70
N ILE C 180 33.18 -10.65 11.70
CA ILE C 180 34.31 -10.90 12.58
C ILE C 180 34.01 -12.09 13.49
N GLU C 181 32.75 -12.24 13.91
CA GLU C 181 32.36 -13.42 14.66
C GLU C 181 32.66 -14.69 13.88
N GLY C 182 32.45 -14.66 12.56
CA GLY C 182 32.78 -15.81 11.74
C GLY C 182 34.28 -16.01 11.58
N GLU C 183 35.05 -14.92 11.59
CA GLU C 183 36.49 -15.02 11.50
C GLU C 183 37.07 -15.69 12.74
N MET C 184 36.66 -15.23 13.92
CA MET C 184 37.06 -15.91 15.15
C MET C 184 36.53 -17.33 15.20
N ARG C 185 35.31 -17.53 14.69
CA ARG C 185 34.74 -18.88 14.63
C ARG C 185 35.56 -19.78 13.72
N THR C 186 36.17 -19.21 12.67
CA THR C 186 37.05 -19.98 11.80
C THR C 186 38.36 -20.31 12.50
N ARG C 187 38.78 -19.47 13.45
CA ARG C 187 40.03 -19.71 14.16
C ARG C 187 39.86 -20.72 15.30
N ILE C 188 38.69 -20.75 15.93
CA ILE C 188 38.46 -21.70 17.01
C ILE C 188 38.38 -23.12 16.44
N ARG C 189 37.51 -23.33 15.45
CA ARG C 189 37.64 -24.53 14.63
C ARG C 189 39.01 -24.53 13.98
N TYR C 190 39.57 -25.73 13.79
CA TYR C 190 40.93 -25.95 13.27
C TYR C 190 42.00 -25.45 14.23
N ASN C 191 41.63 -24.79 15.34
CA ASN C 191 42.56 -24.40 16.40
C ASN C 191 43.75 -23.60 15.87
N ARG C 192 43.47 -22.68 14.95
CA ARG C 192 44.49 -21.83 14.38
C ARG C 192 44.41 -20.43 14.99
N ARG C 193 45.56 -19.81 15.20
CA ARG C 193 45.64 -18.43 15.69
C ARG C 193 46.27 -17.58 14.61
N SER C 194 45.53 -16.56 14.16
CA SER C 194 45.96 -15.74 13.04
C SER C 194 45.72 -14.27 13.36
N ALA C 195 46.59 -13.42 12.82
CA ALA C 195 46.36 -11.99 12.87
C ALA C 195 45.30 -11.58 11.85
N PRO C 196 44.52 -10.54 12.14
CA PRO C 196 43.43 -10.17 11.25
C PRO C 196 43.93 -9.69 9.88
N ASP C 197 43.12 -9.96 8.87
CA ASP C 197 43.39 -9.53 7.51
C ASP C 197 42.95 -8.08 7.33
N PRO C 198 43.34 -7.44 6.21
CA PRO C 198 42.84 -6.09 5.93
C PRO C 198 41.32 -6.00 5.90
N SER C 199 40.62 -7.10 5.61
CA SER C 199 39.16 -7.07 5.62
C SER C 199 38.63 -6.76 7.01
N VAL C 200 39.21 -7.37 8.04
CA VAL C 200 38.73 -7.13 9.40
C VAL C 200 39.15 -5.76 9.88
N ILE C 201 40.39 -5.35 9.57
CA ILE C 201 40.91 -4.08 10.09
C ILE C 201 40.10 -2.91 9.55
N THR C 202 39.83 -2.91 8.24
CA THR C 202 39.10 -1.80 7.63
C THR C 202 37.66 -1.74 8.12
N LEU C 203 37.06 -2.89 8.45
CA LEU C 203 35.72 -2.86 9.02
C LEU C 203 35.72 -2.28 10.43
N GLU C 204 36.75 -2.57 11.22
CA GLU C 204 36.86 -2.00 12.55
C GLU C 204 37.02 -0.49 12.48
N ASN C 205 37.77 0.00 11.48
CA ASN C 205 37.94 1.44 11.33
C ASN C 205 36.68 2.13 10.83
N SER C 206 35.72 1.37 10.30
CA SER C 206 34.59 1.93 9.59
C SER C 206 33.27 1.81 10.33
N TRP C 207 33.25 1.21 11.52
CA TRP C 207 31.99 0.98 12.22
C TRP C 207 31.25 2.29 12.50
N GLY C 208 31.98 3.36 12.76
CA GLY C 208 31.33 4.65 12.93
C GLY C 208 30.80 5.20 11.63
N ARG C 209 31.59 5.09 10.55
CA ARG C 209 31.18 5.60 9.26
C ARG C 209 30.15 4.70 8.57
N LEU C 210 30.04 3.44 9.00
CA LEU C 210 29.01 2.56 8.44
C LEU C 210 27.65 2.83 9.08
N SER C 211 27.61 3.01 10.40
CA SER C 211 26.35 3.25 11.07
C SER C 211 25.73 4.59 10.66
N THR C 212 26.56 5.59 10.36
CA THR C 212 26.03 6.85 9.86
C THR C 212 25.49 6.70 8.45
N ALA C 213 26.19 5.95 7.60
CA ALA C 213 25.76 5.79 6.21
C ALA C 213 24.50 4.95 6.10
N ILE C 214 24.28 4.02 7.04
CA ILE C 214 23.10 3.17 6.99
C ILE C 214 21.88 3.91 7.57
N GLN C 215 22.06 4.55 8.72
CA GLN C 215 20.94 5.28 9.33
C GLN C 215 20.54 6.49 8.50
N GLU C 216 21.53 7.22 7.98
CA GLU C 216 21.28 8.38 7.12
C GLU C 216 21.28 8.00 5.64
N SER C 217 20.54 6.95 5.30
CA SER C 217 20.48 6.44 3.94
C SER C 217 19.11 6.68 3.33
N ASN C 218 19.08 7.07 2.06
CA ASN C 218 17.83 7.23 1.32
C ASN C 218 17.40 5.85 0.83
N GLN C 219 16.59 5.18 1.66
CA GLN C 219 16.08 3.84 1.38
C GLN C 219 17.22 2.84 1.18
N GLY C 220 18.31 3.02 1.94
CA GLY C 220 19.45 2.13 1.90
C GLY C 220 20.60 2.63 1.05
N ALA C 221 20.40 3.65 0.23
CA ALA C 221 21.47 4.17 -0.61
C ALA C 221 22.31 5.18 0.16
N PHE C 222 23.63 5.08 -0.02
CA PHE C 222 24.55 5.96 0.67
C PHE C 222 24.68 7.31 -0.03
N ALA C 223 24.87 8.36 0.77
CA ALA C 223 25.16 9.67 0.20
C ALA C 223 26.57 9.69 -0.40
N SER C 224 27.54 9.12 0.32
CA SER C 224 28.91 9.01 -0.15
C SER C 224 29.39 7.60 0.19
N PRO C 225 30.18 6.99 -0.68
CA PRO C 225 30.54 5.58 -0.48
C PRO C 225 31.53 5.41 0.68
N ILE C 226 31.68 4.15 1.09
CA ILE C 226 32.63 3.75 2.11
C ILE C 226 33.62 2.78 1.48
N GLN C 227 34.91 3.04 1.68
CA GLN C 227 35.96 2.22 1.09
C GLN C 227 36.33 1.11 2.07
N LEU C 228 36.23 -0.14 1.61
CA LEU C 228 36.54 -1.31 2.43
C LEU C 228 37.82 -1.97 1.92
N GLN C 229 38.08 -3.18 2.41
CA GLN C 229 39.22 -3.98 1.98
C GLN C 229 38.84 -5.45 2.01
N ARG C 230 39.52 -6.24 1.18
CA ARG C 230 39.33 -7.68 1.14
C ARG C 230 40.45 -8.37 1.91
N ARG C 231 40.62 -9.68 1.70
CA ARG C 231 41.79 -10.36 2.23
C ARG C 231 43.07 -9.76 1.66
N ASN C 232 43.10 -9.55 0.34
CA ASN C 232 44.26 -8.93 -0.28
C ASN C 232 44.41 -7.48 0.14
N GLY C 233 43.33 -6.84 0.54
CA GLY C 233 43.36 -5.41 0.81
C GLY C 233 43.31 -4.55 -0.43
N SER C 234 42.83 -5.09 -1.54
CA SER C 234 42.75 -4.37 -2.80
C SER C 234 41.67 -3.29 -2.80
N LYS C 235 40.74 -3.33 -1.84
CA LYS C 235 39.74 -2.29 -1.62
C LYS C 235 38.61 -2.30 -2.64
N PHE C 236 37.40 -2.00 -2.16
CA PHE C 236 36.24 -1.81 -3.00
C PHE C 236 35.34 -0.79 -2.33
N SER C 237 34.49 -0.14 -3.12
CA SER C 237 33.61 0.91 -2.63
C SER C 237 32.19 0.37 -2.46
N VAL C 238 31.57 0.68 -1.32
CA VAL C 238 30.21 0.26 -1.03
C VAL C 238 29.29 1.46 -1.18
N TYR C 239 28.18 1.27 -1.90
CA TYR C 239 27.22 2.34 -2.14
C TYR C 239 25.84 2.02 -1.60
N ASP C 240 25.63 0.86 -0.97
CA ASP C 240 24.30 0.46 -0.53
C ASP C 240 24.43 -0.52 0.62
N VAL C 241 23.40 -0.55 1.46
CA VAL C 241 23.42 -1.40 2.65
C VAL C 241 23.20 -2.87 2.35
N SER C 242 22.81 -3.21 1.11
CA SER C 242 22.37 -4.58 0.82
C SER C 242 23.47 -5.59 1.08
N ILE C 243 24.72 -5.25 0.72
CA ILE C 243 25.82 -6.18 0.92
C ILE C 243 26.31 -6.17 2.37
N LEU C 244 26.06 -5.10 3.12
CA LEU C 244 26.51 -4.98 4.51
C LEU C 244 25.57 -5.65 5.50
N ILE C 245 24.38 -6.08 5.06
CA ILE C 245 23.44 -6.73 5.98
C ILE C 245 24.01 -8.01 6.59
N PRO C 246 24.64 -8.91 5.84
CA PRO C 246 25.28 -10.07 6.46
C PRO C 246 26.62 -9.77 7.12
N ILE C 247 26.99 -8.50 7.25
CA ILE C 247 28.29 -8.11 7.76
C ILE C 247 28.17 -7.41 9.12
N ILE C 248 27.26 -6.45 9.23
CA ILE C 248 27.10 -5.63 10.43
C ILE C 248 25.93 -6.19 11.24
N ALA C 249 26.20 -6.48 12.52
CA ALA C 249 25.18 -6.98 13.44
C ALA C 249 24.65 -5.93 14.39
N LEU C 250 25.49 -4.98 14.78
CA LEU C 250 25.10 -3.91 15.69
C LEU C 250 25.59 -2.57 15.14
N MET C 251 24.78 -1.54 15.38
CA MET C 251 25.10 -0.19 14.91
C MET C 251 24.92 0.80 16.06
N VAL C 252 25.85 1.75 16.14
CA VAL C 252 25.73 2.82 17.13
C VAL C 252 24.60 3.76 16.73
N TYR C 253 23.83 4.20 17.72
CA TYR C 253 22.72 5.10 17.48
C TYR C 253 23.26 6.44 16.97
N ARG C 254 22.87 6.81 15.75
CA ARG C 254 23.22 8.12 15.19
C ARG C 254 22.04 9.07 15.10
N CYS C 255 20.82 8.56 15.06
CA CYS C 255 19.63 9.37 14.84
C CYS C 255 18.40 8.55 15.17
N ALA C 256 17.26 9.21 15.16
CA ALA C 256 15.96 8.55 15.25
C ALA C 256 15.35 8.41 13.88
N PRO C 257 14.52 7.40 13.65
CA PRO C 257 13.85 7.25 12.36
C PRO C 257 12.86 8.38 12.13
N PRO C 258 12.54 8.70 10.88
CA PRO C 258 11.50 9.69 10.61
C PRO C 258 10.13 9.06 10.72
N PRO C 259 9.11 9.85 11.11
CA PRO C 259 7.75 9.28 11.20
C PRO C 259 7.21 8.84 9.85
N SER C 260 7.35 7.55 9.55
CA SER C 260 6.90 7.00 8.28
C SER C 260 6.58 5.51 8.41
N ASP D 1 19.00 12.93 17.49
CA ASP D 1 18.52 13.90 16.53
C ASP D 1 17.52 13.25 15.58
N VAL D 2 17.39 13.80 14.37
CA VAL D 2 16.48 13.29 13.36
C VAL D 2 17.26 13.06 12.07
N CYS D 3 17.06 11.90 11.45
CA CYS D 3 17.79 11.56 10.24
C CYS D 3 17.21 12.28 9.03
N MET D 4 18.06 12.99 8.31
CA MET D 4 17.71 13.61 7.04
C MET D 4 18.28 12.77 5.91
N ASP D 5 17.39 12.20 5.06
CA ASP D 5 17.96 11.37 4.02
C ASP D 5 18.40 12.21 2.82
N PRO D 6 19.49 11.81 2.16
CA PRO D 6 20.01 12.63 1.06
C PRO D 6 19.35 12.32 -0.28
N GLU D 7 19.94 12.85 -1.35
CA GLU D 7 19.51 12.58 -2.72
C GLU D 7 20.74 12.20 -3.53
N PRO D 8 21.21 10.97 -3.39
CA PRO D 8 22.47 10.57 -4.06
C PRO D 8 22.25 10.28 -5.54
N ILE D 9 23.13 10.81 -6.37
CA ILE D 9 23.15 10.48 -7.79
C ILE D 9 23.83 9.12 -7.94
N VAL D 10 23.04 8.10 -8.24
CA VAL D 10 23.52 6.71 -8.20
C VAL D 10 22.93 5.94 -9.37
N ARG D 11 23.75 5.09 -9.99
CA ARG D 11 23.26 4.18 -11.02
C ARG D 11 22.33 3.13 -10.39
N ILE D 12 21.67 2.36 -11.25
CA ILE D 12 20.76 1.30 -10.83
C ILE D 12 21.08 0.06 -11.66
N VAL D 13 21.72 -0.93 -11.05
CA VAL D 13 22.08 -2.18 -11.71
C VAL D 13 21.00 -3.20 -11.45
N GLY D 14 20.82 -4.14 -12.37
CA GLY D 14 19.77 -5.13 -12.24
C GLY D 14 20.07 -6.46 -12.89
N ARG D 15 19.17 -6.94 -13.74
CA ARG D 15 19.29 -8.27 -14.31
C ARG D 15 20.54 -8.38 -15.18
N ASN D 16 21.28 -9.47 -15.00
CA ASN D 16 22.48 -9.78 -15.77
C ASN D 16 23.53 -8.67 -15.64
N GLY D 17 23.49 -7.92 -14.55
CA GLY D 17 24.43 -6.85 -14.34
C GLY D 17 24.28 -5.67 -15.28
N LEU D 18 23.07 -5.40 -15.75
CA LEU D 18 22.81 -4.32 -16.69
C LEU D 18 22.18 -3.14 -15.97
N CYS D 19 22.55 -1.93 -16.40
CA CYS D 19 22.13 -0.71 -15.73
C CYS D 19 20.79 -0.22 -16.28
N VAL D 20 20.03 0.42 -15.41
CA VAL D 20 18.83 1.13 -15.84
C VAL D 20 19.25 2.34 -16.68
N ASP D 21 18.81 2.37 -17.93
CA ASP D 21 19.35 3.30 -18.91
C ASP D 21 18.22 3.90 -19.74
N VAL D 22 18.29 5.22 -19.94
CA VAL D 22 17.37 5.92 -20.83
C VAL D 22 17.79 5.63 -22.28
N ARG D 23 16.89 5.04 -23.05
CA ARG D 23 17.24 4.51 -24.37
C ARG D 23 17.74 5.62 -25.29
N ASP D 24 18.92 5.40 -25.87
CA ASP D 24 19.53 6.24 -26.90
C ASP D 24 19.81 7.67 -26.42
N GLY D 25 19.71 7.92 -25.12
CA GLY D 25 20.02 9.24 -24.60
C GLY D 25 19.04 10.34 -24.97
N ARG D 26 17.81 9.98 -25.35
CA ARG D 26 16.78 10.96 -25.66
C ARG D 26 15.83 11.10 -24.48
N PHE D 27 15.48 12.34 -24.15
CA PHE D 27 14.75 12.67 -22.93
C PHE D 27 13.42 13.37 -23.21
N HIS D 28 12.69 12.91 -24.21
CA HIS D 28 11.35 13.44 -24.45
C HIS D 28 10.32 12.54 -23.79
N ASN D 29 9.19 13.13 -23.41
CA ASN D 29 8.14 12.42 -22.68
C ASN D 29 7.61 11.23 -23.46
N GLY D 30 7.88 10.03 -22.97
CA GLY D 30 7.41 8.82 -23.61
C GLY D 30 8.49 7.81 -23.93
N ASN D 31 9.72 8.28 -24.12
CA ASN D 31 10.81 7.38 -24.46
C ASN D 31 11.09 6.42 -23.31
N ALA D 32 11.20 5.14 -23.64
CA ALA D 32 11.23 4.09 -22.64
C ALA D 32 12.60 4.01 -21.96
N ILE D 33 12.63 3.26 -20.86
CA ILE D 33 13.85 2.97 -20.12
C ILE D 33 14.24 1.53 -20.39
N GLN D 34 15.51 1.29 -20.70
CA GLN D 34 15.95 -0.02 -21.16
C GLN D 34 17.13 -0.52 -20.34
N LEU D 35 17.31 -1.84 -20.38
CA LEU D 35 18.54 -2.44 -19.88
C LEU D 35 19.68 -2.13 -20.84
N TRP D 36 20.86 -1.88 -20.29
CA TRP D 36 22.01 -1.52 -21.11
C TRP D 36 23.27 -1.73 -20.30
N PRO D 37 24.39 -2.08 -20.93
CA PRO D 37 25.66 -2.17 -20.20
C PRO D 37 25.99 -0.86 -19.50
N CYS D 38 26.60 -0.98 -18.32
CA CYS D 38 26.90 0.17 -17.49
C CYS D 38 28.11 0.92 -18.05
N LYS D 39 27.96 2.22 -18.26
CA LYS D 39 29.04 3.05 -18.76
C LYS D 39 29.96 3.49 -17.62
N SER D 40 31.20 3.83 -17.98
CA SER D 40 32.18 4.31 -17.01
C SER D 40 32.25 5.83 -16.94
N ASN D 41 31.55 6.54 -17.82
CA ASN D 41 31.64 7.99 -17.90
C ASN D 41 30.46 8.64 -17.17
N THR D 42 30.13 9.88 -17.55
CA THR D 42 29.19 10.70 -16.81
C THR D 42 27.91 10.94 -17.60
N ASP D 43 27.54 10.04 -18.50
CA ASP D 43 26.32 10.18 -19.28
C ASP D 43 25.11 10.08 -18.36
N ALA D 44 24.27 11.12 -18.36
CA ALA D 44 23.16 11.22 -17.41
C ALA D 44 22.05 10.21 -17.69
N ASN D 45 22.10 9.48 -18.79
CA ASN D 45 21.05 8.51 -19.09
C ASN D 45 21.11 7.28 -18.20
N GLN D 46 22.17 7.13 -17.39
CA GLN D 46 22.29 6.03 -16.45
C GLN D 46 22.49 6.48 -15.01
N LEU D 47 22.68 7.77 -14.76
CA LEU D 47 22.85 8.30 -13.42
C LEU D 47 21.52 8.84 -12.93
N TRP D 48 21.06 8.31 -11.79
CA TRP D 48 19.74 8.63 -11.26
C TRP D 48 19.88 9.27 -9.89
N THR D 49 19.20 10.40 -9.69
CA THR D 49 19.15 11.07 -8.40
C THR D 49 17.96 10.52 -7.60
N LEU D 50 18.25 9.91 -6.46
CA LEU D 50 17.21 9.33 -5.60
C LEU D 50 16.62 10.44 -4.76
N LYS D 51 15.59 11.09 -5.29
CA LYS D 51 15.01 12.27 -4.67
C LYS D 51 14.29 11.91 -3.37
N ARG D 52 13.97 12.96 -2.62
CA ARG D 52 13.32 12.80 -1.31
C ARG D 52 11.83 12.51 -1.43
N ASP D 53 11.20 12.99 -2.50
CA ASP D 53 9.78 12.73 -2.76
C ASP D 53 9.53 11.36 -3.40
N ASN D 54 10.41 10.38 -3.15
CA ASN D 54 10.26 9.03 -3.68
C ASN D 54 10.18 9.01 -5.21
N THR D 55 10.95 9.88 -5.85
CA THR D 55 11.07 9.92 -7.30
C THR D 55 12.52 9.69 -7.70
N ILE D 56 12.71 8.94 -8.78
CA ILE D 56 14.03 8.59 -9.29
C ILE D 56 14.22 9.36 -10.60
N ARG D 57 15.09 10.36 -10.57
CA ARG D 57 15.20 11.33 -11.64
C ARG D 57 16.54 11.22 -12.36
N SER D 58 16.51 11.39 -13.68
CA SER D 58 17.72 11.46 -14.49
C SER D 58 17.63 12.71 -15.36
N ASN D 59 18.63 13.57 -15.26
CA ASN D 59 18.75 14.78 -16.07
C ASN D 59 17.55 15.72 -15.91
N GLY D 60 16.79 15.57 -14.83
CA GLY D 60 15.63 16.41 -14.60
C GLY D 60 14.31 15.67 -14.74
N LYS D 61 14.22 14.80 -15.76
CA LYS D 61 13.02 14.02 -15.96
C LYS D 61 12.91 12.92 -14.91
N CYS D 62 11.75 12.25 -14.88
CA CYS D 62 11.43 11.30 -13.83
C CYS D 62 11.16 9.91 -14.42
N LEU D 63 11.58 8.89 -13.67
CA LEU D 63 11.23 7.51 -14.01
C LEU D 63 9.75 7.30 -13.77
N THR D 64 9.00 7.02 -14.84
CA THR D 64 7.54 6.99 -14.78
C THR D 64 7.02 5.72 -15.43
N THR D 65 6.10 5.04 -14.77
CA THR D 65 5.40 3.91 -15.36
C THR D 65 4.30 4.41 -16.29
N TYR D 66 4.14 3.72 -17.41
CA TYR D 66 3.11 4.12 -18.37
C TYR D 66 1.71 4.01 -17.76
N GLY D 67 1.50 3.05 -16.88
CA GLY D 67 0.22 2.87 -16.24
C GLY D 67 0.36 2.16 -14.91
N TYR D 68 -0.72 1.51 -14.49
CA TYR D 68 -0.78 0.81 -13.21
C TYR D 68 -1.28 -0.61 -13.41
N SER D 69 -0.86 -1.26 -14.48
CA SER D 69 -1.26 -2.63 -14.79
C SER D 69 -0.08 -3.37 -15.36
N PRO D 70 0.02 -4.68 -15.10
CA PRO D 70 1.12 -5.46 -15.69
C PRO D 70 0.75 -6.04 -17.05
N GLY D 71 1.63 -5.85 -18.03
CA GLY D 71 2.90 -5.19 -17.82
C GLY D 71 3.19 -4.05 -18.79
N VAL D 72 2.69 -2.86 -18.46
CA VAL D 72 3.01 -1.69 -19.26
C VAL D 72 4.46 -1.28 -19.01
N TYR D 73 5.04 -0.60 -19.99
CA TYR D 73 6.46 -0.26 -19.92
C TYR D 73 6.68 0.94 -19.00
N VAL D 74 7.96 1.16 -18.66
CA VAL D 74 8.37 2.29 -17.84
C VAL D 74 9.16 3.25 -18.72
N MET D 75 8.87 4.55 -18.59
CA MET D 75 9.38 5.55 -19.51
C MET D 75 9.97 6.72 -18.71
N ILE D 76 10.71 7.54 -19.43
CA ILE D 76 11.15 8.83 -18.91
C ILE D 76 10.05 9.85 -19.19
N TYR D 77 9.89 10.82 -18.30
CA TYR D 77 8.76 11.73 -18.40
C TYR D 77 9.02 12.94 -17.53
N ASP D 78 8.34 14.04 -17.85
CA ASP D 78 8.39 15.23 -17.01
C ASP D 78 7.67 14.95 -15.70
N CYS D 79 8.25 15.40 -14.59
N CYS D 79 8.27 15.41 -14.60
CA CYS D 79 7.66 15.09 -13.29
CA CYS D 79 7.72 15.17 -13.27
C CYS D 79 6.43 15.92 -12.98
C CYS D 79 6.38 15.87 -13.09
N ASN D 80 6.23 17.06 -13.67
CA ASN D 80 5.04 17.87 -13.47
C ASN D 80 3.96 17.61 -14.51
N THR D 81 4.24 16.81 -15.52
CA THR D 81 3.25 16.47 -16.53
C THR D 81 2.58 15.12 -16.28
N ALA D 82 3.31 14.15 -15.75
CA ALA D 82 2.76 12.84 -15.46
C ALA D 82 2.00 12.87 -14.14
N ALA D 83 1.22 11.80 -13.90
CA ALA D 83 0.50 11.68 -12.64
C ALA D 83 1.46 11.60 -11.48
N THR D 84 1.14 12.30 -10.39
CA THR D 84 2.09 12.47 -9.30
C THR D 84 2.38 11.17 -8.56
N ASP D 85 1.56 10.13 -8.74
CA ASP D 85 1.86 8.83 -8.16
C ASP D 85 2.12 7.76 -9.23
N ALA D 86 2.21 8.17 -10.49
CA ALA D 86 2.83 7.34 -11.51
C ALA D 86 4.34 7.53 -11.56
N THR D 87 4.87 8.50 -10.82
CA THR D 87 6.30 8.75 -10.71
C THR D 87 6.87 8.35 -9.36
N ARG D 88 6.05 7.80 -8.47
CA ARG D 88 6.48 7.44 -7.13
C ARG D 88 7.04 6.01 -7.12
N TRP D 89 8.14 5.83 -6.40
CA TRP D 89 8.81 4.54 -6.31
C TRP D 89 9.39 4.36 -4.92
N GLN D 90 9.30 3.14 -4.40
CA GLN D 90 9.94 2.75 -3.15
C GLN D 90 11.07 1.78 -3.45
N ILE D 91 12.19 1.97 -2.74
CA ILE D 91 13.35 1.09 -2.87
C ILE D 91 13.42 0.27 -1.59
N TRP D 92 13.15 -1.03 -1.71
CA TRP D 92 13.15 -1.93 -0.56
C TRP D 92 14.55 -2.49 -0.31
N ASP D 93 14.75 -3.00 0.91
CA ASP D 93 16.05 -3.53 1.30
C ASP D 93 16.43 -4.79 0.54
N ASN D 94 15.46 -5.45 -0.11
CA ASN D 94 15.69 -6.68 -0.84
C ASN D 94 15.72 -6.45 -2.35
N GLY D 95 16.13 -5.27 -2.79
CA GLY D 95 16.29 -5.00 -4.20
C GLY D 95 15.01 -4.89 -4.99
N THR D 96 13.92 -4.46 -4.36
CA THR D 96 12.63 -4.32 -5.02
C THR D 96 12.31 -2.84 -5.18
N ILE D 97 12.03 -2.42 -6.41
CA ILE D 97 11.59 -1.07 -6.71
C ILE D 97 10.13 -1.14 -7.12
N ILE D 98 9.24 -0.67 -6.26
CA ILE D 98 7.81 -0.87 -6.41
C ILE D 98 7.10 0.46 -6.52
N ASN D 99 6.09 0.53 -7.38
CA ASN D 99 5.22 1.69 -7.48
C ASN D 99 4.07 1.53 -6.47
N PRO D 100 3.91 2.46 -5.53
CA PRO D 100 2.92 2.23 -4.45
C PRO D 100 1.48 2.10 -4.92
N ARG D 101 1.07 2.89 -5.91
CA ARG D 101 -0.31 2.80 -6.39
C ARG D 101 -0.58 1.44 -7.02
N SER D 102 0.17 1.12 -8.07
CA SER D 102 -0.05 -0.13 -8.79
C SER D 102 0.37 -1.35 -7.99
N SER D 103 1.20 -1.16 -6.97
CA SER D 103 1.83 -2.26 -6.22
C SER D 103 2.68 -3.15 -7.13
N LEU D 104 3.03 -2.65 -8.32
CA LEU D 104 3.83 -3.39 -9.28
C LEU D 104 5.30 -3.02 -9.15
N VAL D 105 6.16 -3.89 -9.66
CA VAL D 105 7.60 -3.78 -9.46
C VAL D 105 8.29 -3.58 -10.80
N LEU D 106 9.30 -2.71 -10.80
CA LEU D 106 10.14 -2.53 -11.97
C LEU D 106 10.79 -3.86 -12.35
N ALA D 107 10.62 -4.26 -13.62
CA ALA D 107 11.03 -5.58 -14.05
C ALA D 107 11.74 -5.51 -15.39
N ALA D 108 12.64 -6.46 -15.63
CA ALA D 108 13.33 -6.65 -16.89
C ALA D 108 12.97 -8.04 -17.41
N THR D 109 11.80 -8.14 -18.06
CA THR D 109 11.24 -9.40 -18.53
C THR D 109 12.07 -10.09 -19.63
N SER D 110 13.25 -9.56 -19.97
CA SER D 110 14.14 -10.22 -20.92
C SER D 110 15.57 -9.86 -20.55
N GLY D 111 16.48 -10.82 -20.70
CA GLY D 111 17.85 -10.63 -20.29
C GLY D 111 18.74 -9.95 -21.31
N ASN D 112 18.29 -9.84 -22.56
CA ASN D 112 19.10 -9.24 -23.61
C ASN D 112 19.30 -7.75 -23.36
N SER D 113 20.43 -7.24 -23.84
CA SER D 113 20.69 -5.82 -23.76
C SER D 113 19.69 -5.05 -24.60
N GLY D 114 19.23 -3.91 -24.10
CA GLY D 114 18.22 -3.13 -24.77
C GLY D 114 16.79 -3.55 -24.45
N THR D 115 16.59 -4.38 -23.43
CA THR D 115 15.25 -4.81 -23.06
C THR D 115 14.49 -3.66 -22.40
N THR D 116 13.30 -3.37 -22.91
CA THR D 116 12.47 -2.31 -22.36
C THR D 116 11.96 -2.70 -20.98
N LEU D 117 12.12 -1.80 -20.01
CA LEU D 117 11.65 -2.05 -18.65
C LEU D 117 10.13 -1.94 -18.58
N THR D 118 9.54 -2.73 -17.68
CA THR D 118 8.10 -2.74 -17.46
C THR D 118 7.82 -2.81 -15.97
N VAL D 119 6.54 -2.87 -15.62
CA VAL D 119 6.09 -3.13 -14.27
C VAL D 119 5.32 -4.45 -14.29
N GLN D 120 5.59 -5.30 -13.30
CA GLN D 120 4.99 -6.62 -13.24
C GLN D 120 4.51 -6.91 -11.82
N THR D 121 3.71 -7.97 -11.70
CA THR D 121 3.30 -8.45 -10.39
C THR D 121 4.52 -8.95 -9.62
N ASN D 122 4.61 -8.54 -8.36
CA ASN D 122 5.78 -8.86 -7.54
C ASN D 122 5.80 -10.36 -7.26
N ILE D 123 6.77 -11.06 -7.86
CA ILE D 123 7.07 -12.44 -7.53
C ILE D 123 8.49 -12.60 -7.01
N TYR D 124 9.20 -11.49 -6.78
CA TYR D 124 10.58 -11.50 -6.31
C TYR D 124 11.47 -12.34 -7.23
N ALA D 125 11.29 -12.15 -8.53
CA ALA D 125 12.12 -12.83 -9.51
C ALA D 125 13.41 -12.05 -9.76
N VAL D 126 14.37 -12.73 -10.40
CA VAL D 126 15.62 -12.08 -10.76
C VAL D 126 15.36 -10.89 -11.68
N SER D 127 14.36 -11.02 -12.55
CA SER D 127 13.99 -9.92 -13.44
C SER D 127 13.47 -8.70 -12.68
N GLN D 128 13.12 -8.86 -11.41
CA GLN D 128 12.56 -7.79 -10.60
C GLN D 128 13.53 -7.26 -9.55
N GLY D 129 14.76 -7.77 -9.51
CA GLY D 129 15.73 -7.33 -8.53
C GLY D 129 16.63 -6.22 -9.06
N TRP D 130 16.88 -5.22 -8.22
CA TRP D 130 17.69 -4.08 -8.59
C TRP D 130 18.59 -3.70 -7.41
N LEU D 131 19.55 -2.81 -7.68
CA LEU D 131 20.49 -2.38 -6.66
C LEU D 131 21.06 -1.01 -7.00
N PRO D 132 20.78 0.01 -6.20
CA PRO D 132 21.36 1.34 -6.45
C PRO D 132 22.82 1.39 -6.02
N THR D 133 23.73 1.40 -6.99
CA THR D 133 25.15 1.51 -6.71
C THR D 133 25.85 2.10 -7.91
N ASN D 134 27.07 2.60 -7.69
CA ASN D 134 27.97 2.95 -8.76
C ASN D 134 28.94 1.81 -9.09
N ASN D 135 28.75 0.65 -8.47
CA ASN D 135 29.59 -0.52 -8.73
C ASN D 135 29.12 -1.20 -10.00
N THR D 136 29.95 -1.14 -11.05
CA THR D 136 29.60 -1.78 -12.31
C THR D 136 29.72 -3.30 -12.19
N GLN D 137 30.70 -3.77 -11.45
CA GLN D 137 30.97 -5.20 -11.34
C GLN D 137 30.32 -5.80 -10.10
N PRO D 138 29.91 -7.06 -10.18
CA PRO D 138 29.36 -7.74 -8.99
C PRO D 138 30.47 -8.00 -7.97
N PHE D 139 30.03 -8.43 -6.79
CA PHE D 139 30.94 -8.73 -5.70
C PHE D 139 31.34 -10.19 -5.76
N VAL D 140 32.65 -10.44 -5.86
CA VAL D 140 33.19 -11.78 -6.05
C VAL D 140 33.75 -12.25 -4.72
N THR D 141 33.10 -13.24 -4.11
CA THR D 141 33.53 -13.78 -2.82
C THR D 141 33.42 -15.30 -2.82
N THR D 142 33.98 -15.89 -1.78
CA THR D 142 33.70 -17.27 -1.40
C THR D 142 32.66 -17.27 -0.30
N ILE D 143 31.82 -18.31 -0.30
CA ILE D 143 30.73 -18.44 0.66
C ILE D 143 31.06 -19.59 1.60
N VAL D 144 31.23 -19.26 2.88
CA VAL D 144 31.63 -20.22 3.90
C VAL D 144 30.44 -20.52 4.79
N GLY D 145 30.10 -21.80 4.93
CA GLY D 145 28.95 -22.19 5.71
C GLY D 145 29.25 -23.16 6.84
N LEU D 146 28.66 -24.35 6.79
CA LEU D 146 28.78 -25.31 7.87
C LEU D 146 30.21 -25.82 7.98
N TYR D 147 30.69 -25.92 9.22
CA TYR D 147 32.03 -26.42 9.55
C TYR D 147 33.14 -25.62 8.89
N GLY D 148 32.85 -24.39 8.48
CA GLY D 148 33.86 -23.57 7.85
C GLY D 148 34.27 -24.01 6.46
N LEU D 149 33.45 -24.81 5.80
CA LEU D 149 33.72 -25.27 4.44
C LEU D 149 33.02 -24.35 3.44
N CYS D 150 33.47 -24.43 2.19
CA CYS D 150 33.12 -23.44 1.17
C CYS D 150 32.10 -23.98 0.18
N LEU D 151 31.14 -23.13 -0.20
CA LEU D 151 30.19 -23.47 -1.25
C LEU D 151 30.92 -23.60 -2.58
N GLN D 152 30.60 -24.66 -3.32
CA GLN D 152 31.35 -25.01 -4.51
C GLN D 152 30.43 -25.68 -5.52
N ALA D 153 30.68 -25.43 -6.80
CA ALA D 153 29.85 -25.97 -7.87
C ALA D 153 30.72 -26.36 -9.07
N ASN D 154 30.41 -27.52 -9.66
CA ASN D 154 31.11 -28.00 -10.85
C ASN D 154 30.07 -28.22 -11.96
N SER D 155 29.84 -27.16 -12.74
CA SER D 155 28.98 -27.19 -13.92
C SER D 155 27.51 -27.49 -13.61
N GLY D 156 27.25 -28.44 -12.72
CA GLY D 156 25.88 -28.85 -12.48
C GLY D 156 25.39 -28.74 -11.05
N GLN D 157 26.10 -29.39 -10.12
CA GLN D 157 25.66 -29.50 -8.73
C GLN D 157 26.49 -28.59 -7.84
N VAL D 158 25.85 -28.06 -6.80
CA VAL D 158 26.49 -27.22 -5.79
C VAL D 158 26.52 -27.99 -4.48
N TRP D 159 27.63 -27.87 -3.75
CA TRP D 159 27.79 -28.52 -2.45
C TRP D 159 28.79 -27.71 -1.64
N ILE D 160 29.34 -28.32 -0.60
CA ILE D 160 30.29 -27.65 0.29
C ILE D 160 31.52 -28.54 0.43
N GLU D 161 32.70 -27.95 0.23
CA GLU D 161 33.95 -28.68 0.29
C GLU D 161 34.96 -27.87 1.09
N ASP D 162 36.13 -28.47 1.33
CA ASP D 162 37.16 -27.81 2.12
C ASP D 162 37.58 -26.49 1.49
N CYS D 163 37.62 -25.44 2.32
CA CYS D 163 37.90 -24.09 1.83
C CYS D 163 39.34 -23.90 1.43
N SER D 164 39.73 -24.42 0.27
CA SER D 164 40.99 -24.04 -0.36
C SER D 164 40.71 -22.82 -1.24
N SER D 165 41.33 -21.69 -0.89
CA SER D 165 41.13 -20.46 -1.64
C SER D 165 41.58 -20.56 -3.09
N GLU D 166 42.30 -21.63 -3.45
CA GLU D 166 42.90 -21.78 -4.78
C GLU D 166 41.91 -22.22 -5.86
N LYS D 167 40.77 -22.79 -5.48
CA LYS D 167 39.98 -23.59 -6.42
C LYS D 167 39.31 -22.75 -7.50
N ALA D 168 38.70 -21.63 -7.12
CA ALA D 168 37.95 -20.79 -8.06
C ALA D 168 36.65 -21.47 -8.47
N GLU D 169 36.44 -22.72 -8.04
CA GLU D 169 35.10 -23.30 -8.06
C GLU D 169 34.28 -22.88 -6.86
N GLN D 170 34.93 -22.30 -5.84
CA GLN D 170 34.26 -21.75 -4.68
C GLN D 170 34.10 -20.24 -4.76
N GLN D 171 34.42 -19.65 -5.92
CA GLN D 171 34.28 -18.22 -6.14
C GLN D 171 32.89 -17.93 -6.71
N TRP D 172 32.19 -16.97 -6.10
CA TRP D 172 30.83 -16.64 -6.49
C TRP D 172 30.72 -15.14 -6.74
N ALA D 173 29.97 -14.78 -7.79
CA ALA D 173 29.73 -13.39 -8.13
C ALA D 173 28.31 -13.03 -7.71
N LEU D 174 28.20 -12.19 -6.67
CA LEU D 174 26.91 -11.76 -6.16
C LEU D 174 26.41 -10.61 -7.04
N TYR D 175 25.56 -10.92 -8.00
CA TYR D 175 25.05 -9.93 -8.93
C TYR D 175 24.01 -9.03 -8.28
N ALA D 176 23.79 -7.87 -8.91
CA ALA D 176 22.88 -6.86 -8.35
C ALA D 176 21.41 -7.24 -8.47
N ASP D 177 21.07 -8.24 -9.28
CA ASP D 177 19.69 -8.70 -9.40
C ASP D 177 19.31 -9.72 -8.35
N GLY D 178 20.17 -9.95 -7.36
CA GLY D 178 19.92 -10.94 -6.33
C GLY D 178 20.39 -12.33 -6.66
N SER D 179 20.86 -12.57 -7.88
CA SER D 179 21.33 -13.89 -8.27
C SER D 179 22.73 -14.13 -7.75
N ILE D 180 23.02 -15.39 -7.44
CA ILE D 180 24.34 -15.83 -7.02
C ILE D 180 24.92 -16.69 -8.14
N ARG D 181 25.88 -16.12 -8.86
CA ARG D 181 26.42 -16.78 -10.04
C ARG D 181 27.88 -17.18 -9.82
N PRO D 182 28.25 -18.39 -10.21
CA PRO D 182 29.65 -18.81 -10.05
C PRO D 182 30.58 -17.99 -10.91
N GLN D 183 31.79 -17.74 -10.39
CA GLN D 183 32.76 -16.92 -11.10
C GLN D 183 33.18 -17.56 -12.42
N GLN D 184 33.17 -18.89 -12.50
CA GLN D 184 33.55 -19.59 -13.71
C GLN D 184 32.67 -19.19 -14.89
N ASN D 185 31.41 -19.56 -14.84
CA ASN D 185 30.45 -19.23 -15.89
C ASN D 185 29.39 -18.32 -15.28
N ARG D 186 29.52 -17.01 -15.55
CA ARG D 186 28.58 -16.04 -15.02
C ARG D 186 27.23 -16.07 -15.74
N ASP D 187 27.02 -16.97 -16.67
CA ASP D 187 25.72 -17.20 -17.28
C ASP D 187 24.88 -18.23 -16.53
N ASN D 188 25.43 -18.82 -15.47
CA ASN D 188 24.73 -19.80 -14.65
C ASN D 188 24.38 -19.18 -13.31
N CYS D 189 23.27 -19.64 -12.73
CA CYS D 189 22.73 -19.07 -11.51
C CYS D 189 22.47 -20.18 -10.49
N LEU D 190 22.59 -19.82 -9.21
CA LEU D 190 22.18 -20.70 -8.12
C LEU D 190 20.66 -20.81 -8.15
N THR D 191 20.16 -21.93 -8.65
CA THR D 191 18.76 -22.08 -9.00
C THR D 191 18.04 -23.07 -8.09
N SER D 192 16.85 -22.69 -7.63
CA SER D 192 15.95 -23.54 -6.88
C SER D 192 14.70 -23.83 -7.70
N ASP D 193 13.87 -24.74 -7.18
CA ASP D 193 12.71 -25.21 -7.92
C ASP D 193 11.53 -25.46 -6.99
N SER D 194 10.33 -25.15 -7.48
CA SER D 194 9.05 -25.61 -6.92
C SER D 194 8.75 -25.11 -5.52
N ASN D 195 9.72 -24.50 -4.84
CA ASN D 195 9.52 -23.93 -3.50
C ASN D 195 9.09 -25.00 -2.50
N ILE D 196 9.62 -26.21 -2.65
CA ILE D 196 9.28 -27.34 -1.79
C ILE D 196 10.45 -27.61 -0.85
N ARG D 197 10.13 -27.99 0.39
CA ARG D 197 11.16 -28.34 1.35
C ARG D 197 11.99 -29.51 0.83
N GLU D 198 13.29 -29.48 1.14
CA GLU D 198 14.26 -30.53 0.80
C GLU D 198 14.56 -30.61 -0.69
N THR D 199 14.37 -29.52 -1.44
CA THR D 199 14.71 -29.51 -2.85
C THR D 199 16.18 -29.20 -3.04
N VAL D 200 16.88 -30.07 -3.76
CA VAL D 200 18.31 -29.90 -3.97
C VAL D 200 18.55 -28.70 -4.88
N VAL D 201 19.28 -27.71 -4.38
CA VAL D 201 19.62 -26.54 -5.18
C VAL D 201 20.64 -26.93 -6.24
N LYS D 202 20.42 -26.49 -7.46
CA LYS D 202 21.27 -26.86 -8.60
C LYS D 202 21.91 -25.60 -9.19
N ILE D 203 22.64 -25.80 -10.28
CA ILE D 203 23.29 -24.72 -11.02
C ILE D 203 22.73 -24.76 -12.43
N LEU D 204 21.83 -23.82 -12.74
CA LEU D 204 21.22 -23.71 -14.05
C LEU D 204 21.53 -22.33 -14.64
N SER D 205 21.13 -22.15 -15.90
CA SER D 205 21.39 -20.89 -16.58
C SER D 205 20.41 -19.82 -16.10
N CYS D 206 20.85 -18.56 -16.19
CA CYS D 206 20.05 -17.42 -15.79
C CYS D 206 19.13 -16.93 -16.91
N GLY D 207 18.77 -17.81 -17.83
CA GLY D 207 17.86 -17.47 -18.91
C GLY D 207 16.51 -17.01 -18.42
N PRO D 208 15.80 -17.87 -17.67
CA PRO D 208 14.49 -17.45 -17.13
C PRO D 208 14.57 -16.31 -16.15
N ALA D 209 15.63 -16.26 -15.34
CA ALA D 209 15.79 -15.24 -14.29
C ALA D 209 14.57 -15.20 -13.38
N SER D 210 14.22 -16.36 -12.84
CA SER D 210 12.96 -16.56 -12.15
C SER D 210 13.10 -16.33 -10.66
N SER D 211 11.98 -16.41 -9.95
CA SER D 211 11.97 -16.48 -8.49
C SER D 211 12.40 -17.89 -8.09
N GLY D 212 13.57 -18.00 -7.49
CA GLY D 212 14.18 -19.29 -7.26
C GLY D 212 15.65 -19.20 -7.61
N GLN D 213 15.98 -18.24 -8.47
CA GLN D 213 17.35 -17.89 -8.77
C GLN D 213 17.79 -16.59 -8.09
N ARG D 214 16.88 -15.95 -7.36
CA ARG D 214 17.15 -14.69 -6.66
C ARG D 214 17.29 -14.98 -5.17
N TRP D 215 18.36 -14.46 -4.57
CA TRP D 215 18.66 -14.71 -3.17
C TRP D 215 18.99 -13.40 -2.48
N MET D 216 18.87 -13.42 -1.15
CA MET D 216 19.20 -12.26 -0.32
C MET D 216 19.96 -12.71 0.91
N PHE D 217 21.10 -12.07 1.16
CA PHE D 217 21.87 -12.34 2.36
C PHE D 217 21.28 -11.57 3.53
N LYS D 218 20.94 -12.30 4.60
CA LYS D 218 20.23 -11.74 5.74
C LYS D 218 21.20 -11.39 6.87
N ASN D 219 20.65 -10.77 7.92
CA ASN D 219 21.44 -10.38 9.07
C ASN D 219 21.79 -11.57 9.96
N ASP D 220 20.87 -12.52 10.11
CA ASP D 220 21.11 -13.69 10.93
C ASP D 220 22.08 -14.68 10.30
N GLY D 221 22.54 -14.42 9.08
CA GLY D 221 23.51 -15.27 8.42
C GLY D 221 22.96 -16.24 7.41
N THR D 222 21.69 -16.12 7.05
CA THR D 222 21.05 -17.05 6.12
C THR D 222 20.95 -16.44 4.72
N ILE D 223 20.90 -17.31 3.73
CA ILE D 223 20.67 -16.93 2.34
C ILE D 223 19.23 -17.28 2.02
N LEU D 224 18.38 -16.26 1.90
CA LEU D 224 16.94 -16.45 1.75
C LEU D 224 16.54 -16.37 0.28
N ASN D 225 15.71 -17.31 -0.15
CA ASN D 225 14.97 -17.19 -1.39
C ASN D 225 13.69 -16.43 -1.08
N LEU D 226 13.60 -15.19 -1.54
CA LEU D 226 12.56 -14.28 -1.07
C LEU D 226 11.16 -14.80 -1.36
N TYR D 227 10.97 -15.40 -2.55
CA TYR D 227 9.62 -15.81 -2.94
C TYR D 227 9.14 -17.01 -2.13
N SER D 228 9.94 -18.08 -2.09
CA SER D 228 9.52 -19.29 -1.37
C SER D 228 9.49 -19.07 0.14
N GLY D 229 10.33 -18.18 0.65
CA GLY D 229 10.47 -17.99 2.08
C GLY D 229 11.44 -18.94 2.74
N LEU D 230 11.95 -19.93 2.02
CA LEU D 230 12.91 -20.89 2.56
C LEU D 230 14.34 -20.39 2.37
N VAL D 231 15.27 -21.02 3.07
CA VAL D 231 16.66 -20.61 3.07
C VAL D 231 17.53 -21.78 2.61
N LEU D 232 18.78 -21.47 2.27
CA LEU D 232 19.74 -22.50 1.93
C LEU D 232 20.05 -23.34 3.15
N ASP D 233 20.01 -24.67 2.98
CA ASP D 233 20.19 -25.60 4.07
C ASP D 233 21.08 -26.75 3.62
N VAL D 234 22.10 -27.05 4.41
CA VAL D 234 22.93 -28.23 4.19
C VAL D 234 22.17 -29.43 4.72
N ARG D 235 21.74 -30.33 3.84
CA ARG D 235 20.79 -31.38 4.20
C ARG D 235 21.33 -32.24 5.33
N ALA D 236 20.56 -32.32 6.42
CA ALA D 236 20.87 -33.15 7.59
C ALA D 236 22.22 -32.79 8.20
N SER D 237 22.72 -31.58 7.95
CA SER D 237 24.03 -31.13 8.44
C SER D 237 25.14 -32.12 8.06
N ASP D 238 24.93 -32.86 6.98
CA ASP D 238 25.89 -33.86 6.52
C ASP D 238 26.52 -33.38 5.22
N PRO D 239 27.70 -32.78 5.26
CA PRO D 239 28.33 -32.31 4.01
C PRO D 239 28.69 -33.43 3.05
N SER D 240 28.79 -34.67 3.53
CA SER D 240 29.14 -35.79 2.67
C SER D 240 28.02 -36.20 1.73
N LEU D 241 26.86 -35.55 1.81
CA LEU D 241 25.75 -35.83 0.90
C LEU D 241 25.84 -35.06 -0.42
N LYS D 242 26.67 -34.00 -0.46
CA LYS D 242 26.79 -33.16 -1.65
C LYS D 242 25.44 -32.58 -2.08
N GLN D 243 24.61 -32.26 -1.09
CA GLN D 243 23.26 -31.75 -1.35
C GLN D 243 23.00 -30.52 -0.51
N ILE D 244 22.70 -29.40 -1.17
CA ILE D 244 22.28 -28.17 -0.52
C ILE D 244 20.80 -28.00 -0.82
N ILE D 245 19.98 -28.14 0.22
CA ILE D 245 18.54 -28.17 0.05
C ILE D 245 17.95 -26.80 0.39
N LEU D 246 16.68 -26.62 0.07
CA LEU D 246 15.92 -25.42 0.42
C LEU D 246 14.97 -25.80 1.55
N TYR D 247 15.24 -25.29 2.75
CA TYR D 247 14.50 -25.67 3.95
C TYR D 247 14.06 -24.41 4.69
N PRO D 248 12.94 -24.48 5.40
CA PRO D 248 12.49 -23.34 6.22
C PRO D 248 13.53 -22.93 7.25
N LEU D 249 13.31 -21.76 7.82
CA LEU D 249 14.30 -21.11 8.66
C LEU D 249 14.26 -21.65 10.09
N HIS D 250 15.41 -22.04 10.61
CA HIS D 250 15.57 -22.41 12.01
C HIS D 250 16.80 -21.80 12.68
N GLY D 251 17.77 -21.31 11.92
CA GLY D 251 18.94 -20.67 12.49
C GLY D 251 20.05 -21.61 12.94
N ASP D 252 19.93 -22.90 12.66
CA ASP D 252 20.95 -23.86 13.04
C ASP D 252 22.20 -23.67 12.19
N PRO D 253 23.36 -24.18 12.64
CA PRO D 253 24.61 -23.96 11.89
C PRO D 253 24.54 -24.33 10.42
N ASN D 254 23.74 -25.33 10.05
CA ASN D 254 23.67 -25.72 8.65
C ASN D 254 23.03 -24.66 7.78
N GLN D 255 22.35 -23.68 8.36
CA GLN D 255 21.74 -22.59 7.59
C GLN D 255 22.54 -21.31 7.66
N ILE D 256 23.63 -21.27 8.40
CA ILE D 256 24.43 -20.06 8.58
C ILE D 256 25.53 -20.02 7.52
N TRP D 257 25.67 -18.88 6.85
CA TRP D 257 26.68 -18.67 5.83
C TRP D 257 27.42 -17.37 6.10
N LEU D 258 28.48 -17.14 5.34
CA LEU D 258 29.25 -15.91 5.47
C LEU D 258 30.06 -15.68 4.19
N PRO D 259 29.94 -14.51 3.57
CA PRO D 259 30.72 -14.23 2.36
C PRO D 259 32.06 -13.59 2.67
N LEU D 260 33.11 -14.40 2.73
CA LEU D 260 34.45 -13.90 3.04
C LEU D 260 35.00 -13.18 1.81
N PHE D 261 34.85 -11.86 1.79
N PHE D 261 34.85 -11.86 1.78
CA PHE D 261 35.37 -11.03 0.71
CA PHE D 261 35.33 -11.06 0.66
C PHE D 261 36.89 -11.10 0.64
C PHE D 261 36.82 -10.76 0.79
#